data_6MJI
#
_entry.id   6MJI
#
_cell.length_a   79.216
_cell.length_b   191.161
_cell.length_c   151.095
_cell.angle_alpha   90.000
_cell.angle_beta   90.000
_cell.angle_gamma   90.000
#
_symmetry.space_group_name_H-M   'C 2 2 21'
#
loop_
_entity.id
_entity.type
_entity.pdbx_description
1 polymer 'T cell receptor alpha variable 11,T cell receptor alpha joining 18,Human nkt tcr alpha chain, CHIMERIC PROTEIN'
2 polymer 'Beta-chain,Tcell receptor chain,T cell receptor beta constant 2'
3 polymer 'Antigen-presenting glycoprotein CD1d1'
4 polymer Beta-2-microglobulin
5 branched 2-acetamido-2-deoxy-beta-D-glucopyranose-(1-4)-2-acetamido-2-deoxy-beta-D-glucopyranose
6 branched alpha-D-mannopyranose-(1-3)-beta-D-mannopyranose-(1-4)-2-acetamido-2-deoxy-beta-D-glucopyranose-(1-4)-[alpha-L-fucopyranose-(1-6)]2-acetamido-2-deoxy-beta-D-glucopyranose
7 non-polymer 'SODIUM ION'
8 non-polymer GLYCEROL
9 non-polymer 2-acetamido-2-deoxy-beta-D-glucopyranose
10 non-polymer N-[(2S,3S,4R)-1-{[4-O-(cyclopropylmethyl)-alpha-D-galactopyranosyl]oxy}-3,4-dihydroxyoctadecan-2-yl]hexacosanamide
11 water water
#
loop_
_entity_poly.entity_id
_entity_poly.type
_entity_poly.pdbx_seq_one_letter_code
_entity_poly.pdbx_strand_id
1 'polypeptide(L)'
;MKTQVEQSPQSLVVRQGENCVLQCNYSVTPDNHLRWFKQDTGKGLVSLTVLVDQKDKTSNGRYSATLDKDAKHSTLHITA
TLLDDTATYICVVGDRGSALGRLHFGAGTQLIVIPDIQNPDPAVYQLRDSKSSDKSVCLFTDFDSQTNVSQSKDSDVYIT
DKCVLDMRSMDFKSNSAVAWSNKSDFACANAFNNSIIPEDTFFPSPESS
;
C
2 'polypeptide(L)'
;MEAAVTQSPRNKVAVTGGKVTLSCNQTNNHNNMYWYRQDTGHGLRLIHYSYGAGSTEKGDIPDGYKASRPSQENFSLILE
LATPSQTSVYFCASGDEGYTQYFGPGTRLLVLEDLRNVTPPKVSLFEPSKAEISHTQKATLVCLATGFYPDHVELSWWVN
GKEVHSGVCTDPQPLKEQPALNDSRYSLSSRLRVSATFWQNPRNHFRCQVQFYGLSENDEWTQDRAKPVTQIVSAEAWGR
A
;
D
3 'polypeptide(L)'
;SEAQQKNYTFRCLQMSSFANRSWSRTDSVVWLGDLQTHRWSNDSATISFTKPWSQGKLSNQQWEKLQHMFQVYRVSFTRD
IQELVKMMSPKEDYPIEIQLSAGCEMYPGNASESFLHVAFQGKYVVRFWGTSWQTVPGAPSWLDLPIKVLNADQGTSATV
QMLLNDTCPLFVRGLLEAGKSDLEKQEKPVAWLSSVPSSAHGHRQLVCHVSGFYPKPVWVMWMRGDQEQQGTHRGDFLPN
ADETWYLQATLDVEAGEEAGLACRVKHSSLGGQDIILYWHHHHHH
;
A
4 'polypeptide(L)'
;IQKTPQIQVYSRHPPENGKPNILNCYVTQFHPPHIEIQMLKNGKKIPKVEMSDMSFSKDWSFYILAHTEFTPTETDTYAC
RVKHASMAEPKTVYWDRDM
;
B
#
# COMPACT_ATOMS: atom_id res chain seq x y z
N LYS A 2 3.64 -13.70 12.05
CA LYS A 2 2.39 -14.14 11.35
C LYS A 2 1.82 -12.99 10.52
N THR A 3 1.93 -11.74 11.04
CA THR A 3 1.44 -10.51 10.39
C THR A 3 2.54 -9.44 10.47
N GLN A 4 2.32 -8.31 9.78
CA GLN A 4 3.33 -7.26 9.64
C GLN A 4 3.15 -6.16 10.70
N VAL A 5 2.01 -6.16 11.39
CA VAL A 5 1.75 -5.19 12.44
C VAL A 5 1.21 -5.93 13.67
N GLU A 6 1.94 -5.83 14.80
CA GLU A 6 1.63 -6.51 16.06
C GLU A 6 1.46 -5.48 17.17
N GLN A 7 0.35 -5.62 17.91
CA GLN A 7 0.03 -4.73 19.01
C GLN A 7 0.09 -5.53 20.30
N SER A 8 0.50 -4.84 21.37
CA SER A 8 0.63 -5.37 22.73
C SER A 8 0.26 -4.26 23.70
N PRO A 9 -0.37 -4.59 24.84
CA PRO A 9 -0.94 -5.90 25.14
C PRO A 9 -2.16 -6.21 24.24
N GLN A 10 -2.60 -7.47 24.23
CA GLN A 10 -3.87 -7.82 23.59
C GLN A 10 -5.02 -7.10 24.31
N SER A 11 -4.98 -7.12 25.65
CA SER A 11 -6.00 -6.45 26.44
C SER A 11 -5.42 -6.06 27.81
N LEU A 12 -6.07 -5.08 28.42
CA LEU A 12 -5.72 -4.66 29.74
C LEU A 12 -6.92 -3.98 30.41
N VAL A 13 -6.93 -4.10 31.75
CA VAL A 13 -7.92 -3.50 32.61
C VAL A 13 -7.17 -2.49 33.49
N VAL A 14 -7.65 -1.25 33.53
CA VAL A 14 -7.10 -0.23 34.41
C VAL A 14 -8.25 0.46 35.13
N ARG A 15 -7.91 1.14 36.23
CA ARG A 15 -8.83 1.93 37.01
C ARG A 15 -8.79 3.37 36.50
N GLN A 16 -9.95 4.02 36.54
CA GLN A 16 -10.12 5.42 36.21
C GLN A 16 -9.03 6.27 36.88
N GLY A 17 -8.41 7.16 36.12
CA GLY A 17 -7.39 8.06 36.64
C GLY A 17 -5.97 7.55 36.43
N GLU A 18 -5.82 6.25 36.14
CA GLU A 18 -4.50 5.65 35.90
C GLU A 18 -4.08 5.94 34.47
N ASN A 19 -2.77 5.97 34.23
CA ASN A 19 -2.20 6.11 32.88
C ASN A 19 -1.96 4.69 32.32
N CYS A 20 -1.95 4.57 30.99
CA CYS A 20 -1.53 3.33 30.35
C CYS A 20 -0.79 3.62 29.04
N VAL A 21 -0.02 2.61 28.60
CA VAL A 21 0.83 2.67 27.41
C VAL A 21 0.43 1.50 26.50
N LEU A 22 0.19 1.80 25.22
CA LEU A 22 -0.11 0.78 24.21
C LEU A 22 1.06 0.71 23.22
N GLN A 23 1.39 -0.50 22.75
CA GLN A 23 2.55 -0.72 21.89
C GLN A 23 2.10 -1.24 20.52
N CYS A 24 2.86 -0.83 19.50
CA CYS A 24 2.72 -1.24 18.11
C CYS A 24 4.12 -1.50 17.55
N ASN A 25 4.37 -2.73 17.07
CA ASN A 25 5.60 -3.10 16.40
C ASN A 25 5.24 -3.61 15.00
N TYR A 26 6.01 -3.19 14.00
CA TYR A 26 5.70 -3.50 12.62
C TYR A 26 6.98 -3.88 11.86
N SER A 27 6.80 -4.62 10.76
CA SER A 27 7.89 -4.97 9.84
C SER A 27 7.62 -4.39 8.44
N VAL A 28 6.53 -3.61 8.29
CA VAL A 28 6.12 -3.01 7.00
C VAL A 28 7.29 -2.19 6.43
N THR A 29 7.49 -2.31 5.11
CA THR A 29 8.51 -1.55 4.37
C THR A 29 7.96 -1.19 3.00
N PRO A 30 8.06 0.09 2.61
CA PRO A 30 8.49 1.19 3.46
C PRO A 30 7.38 1.60 4.44
N ASP A 31 7.75 2.44 5.42
CA ASP A 31 6.84 2.91 6.47
C ASP A 31 6.72 4.43 6.34
N ASN A 32 5.74 4.88 5.57
CA ASN A 32 5.53 6.31 5.33
C ASN A 32 4.96 6.97 6.59
N HIS A 33 3.95 6.36 7.20
CA HIS A 33 3.30 6.94 8.35
C HIS A 33 2.54 5.87 9.14
N LEU A 34 2.22 6.23 10.38
CA LEU A 34 1.52 5.37 11.33
C LEU A 34 0.39 6.18 11.97
N ARG A 35 -0.81 5.60 11.96
CA ARG A 35 -2.00 6.20 12.55
C ARG A 35 -2.51 5.33 13.70
N TRP A 36 -3.01 6.00 14.76
CA TRP A 36 -3.73 5.35 15.85
C TRP A 36 -5.23 5.65 15.73
N PHE A 37 -6.02 4.58 15.80
CA PHE A 37 -7.46 4.64 15.74
C PHE A 37 -8.03 4.22 17.10
N LYS A 38 -9.17 4.81 17.45
CA LYS A 38 -10.00 4.41 18.59
C LYS A 38 -11.33 3.90 18.03
N GLN A 39 -11.70 2.67 18.42
CA GLN A 39 -12.96 2.06 18.00
C GLN A 39 -13.78 1.67 19.23
N ASP A 40 -14.80 2.49 19.55
CA ASP A 40 -15.84 2.14 20.51
C ASP A 40 -16.55 0.87 20.05
N THR A 41 -17.12 0.15 21.01
CA THR A 41 -17.85 -1.09 20.76
C THR A 41 -18.97 -0.83 19.74
N GLY A 42 -18.92 -1.57 18.62
CA GLY A 42 -19.93 -1.53 17.58
C GLY A 42 -19.92 -0.25 16.75
N LYS A 43 -18.89 0.59 16.92
CA LYS A 43 -18.80 1.87 16.25
C LYS A 43 -17.69 1.83 15.20
N GLY A 44 -17.34 3.01 14.68
CA GLY A 44 -16.37 3.16 13.63
C GLY A 44 -15.01 3.60 14.16
N LEU A 45 -14.16 4.02 13.22
CA LEU A 45 -12.77 4.33 13.48
C LEU A 45 -12.62 5.84 13.63
N VAL A 46 -12.15 6.26 14.82
CA VAL A 46 -11.86 7.65 15.11
C VAL A 46 -10.34 7.81 15.19
N SER A 47 -9.79 8.65 14.32
CA SER A 47 -8.36 8.91 14.25
C SER A 47 -7.93 9.70 15.50
N LEU A 48 -6.86 9.25 16.16
CA LEU A 48 -6.33 9.91 17.35
C LEU A 48 -5.11 10.78 16.97
N THR A 49 -4.25 10.25 16.10
CA THR A 49 -3.03 10.92 15.73
C THR A 49 -2.39 10.23 14.52
N VAL A 50 -1.54 10.96 13.79
N VAL A 50 -1.53 10.96 13.82
CA VAL A 50 -0.76 10.42 12.71
CA VAL A 50 -0.75 10.50 12.68
C VAL A 50 0.70 10.85 12.90
C VAL A 50 0.72 10.86 12.95
N LEU A 51 1.61 9.87 12.85
CA LEU A 51 3.05 10.12 13.02
C LEU A 51 3.74 9.87 11.67
N VAL A 52 4.66 10.76 11.29
CA VAL A 52 5.27 10.74 9.94
C VAL A 52 6.81 10.78 10.00
N ASP A 53 7.40 11.36 11.05
CA ASP A 53 8.86 11.61 11.10
C ASP A 53 9.60 10.40 11.67
N GLN A 54 10.91 10.37 11.41
CA GLN A 54 11.81 9.27 11.79
C GLN A 54 11.75 9.05 13.31
N LYS A 55 11.76 10.15 14.06
CA LYS A 55 11.64 10.18 15.51
C LYS A 55 10.55 11.20 15.89
N ASP A 56 9.28 10.78 15.80
CA ASP A 56 8.16 11.71 15.90
C ASP A 56 7.52 11.60 17.29
N LYS A 57 6.90 12.71 17.69
CA LYS A 57 6.07 12.83 18.89
C LYS A 57 4.83 13.65 18.52
N THR A 58 3.68 13.24 19.03
CA THR A 58 2.43 13.98 18.84
C THR A 58 1.64 13.96 20.14
N SER A 59 0.65 14.85 20.22
CA SER A 59 -0.27 14.91 21.32
C SER A 59 -1.63 15.38 20.83
N ASN A 60 -2.66 14.94 21.53
CA ASN A 60 -4.03 15.24 21.25
C ASN A 60 -4.80 15.07 22.57
N GLY A 61 -4.88 16.16 23.34
CA GLY A 61 -5.46 16.15 24.69
C GLY A 61 -4.72 15.19 25.61
N ARG A 62 -5.44 14.19 26.11
CA ARG A 62 -4.90 13.19 27.04
C ARG A 62 -4.08 12.12 26.29
N TYR A 63 -4.23 12.02 24.96
CA TYR A 63 -3.47 11.07 24.14
C TYR A 63 -2.13 11.70 23.72
N SER A 64 -1.04 10.94 23.84
CA SER A 64 0.22 11.28 23.20
C SER A 64 0.83 10.02 22.60
N ALA A 65 1.71 10.21 21.61
CA ALA A 65 2.26 9.12 20.85
C ALA A 65 3.70 9.43 20.43
N THR A 66 4.48 8.36 20.25
CA THR A 66 5.84 8.40 19.77
C THR A 66 5.97 7.43 18.60
N LEU A 67 6.90 7.73 17.69
CA LEU A 67 7.27 6.83 16.63
C LEU A 67 8.79 6.80 16.50
N ASP A 68 9.34 5.59 16.43
CA ASP A 68 10.74 5.36 16.16
C ASP A 68 10.81 4.44 14.94
N LYS A 69 11.12 5.02 13.78
CA LYS A 69 11.12 4.31 12.50
C LYS A 69 12.32 3.36 12.41
N ASP A 70 13.44 3.68 13.07
CA ASP A 70 14.62 2.80 13.10
C ASP A 70 14.26 1.48 13.79
N ALA A 71 13.49 1.55 14.89
CA ALA A 71 13.08 0.36 15.64
C ALA A 71 11.74 -0.21 15.15
N LYS A 72 11.04 0.54 14.30
CA LYS A 72 9.69 0.20 13.80
C LYS A 72 8.76 -0.06 14.99
N HIS A 73 8.63 0.98 15.81
CA HIS A 73 7.95 0.89 17.08
C HIS A 73 7.22 2.22 17.34
N SER A 74 5.99 2.10 17.85
CA SER A 74 5.18 3.24 18.25
C SER A 74 4.45 2.90 19.55
N THR A 75 4.36 3.89 20.44
CA THR A 75 3.57 3.77 21.65
C THR A 75 2.48 4.84 21.63
N LEU A 76 1.31 4.49 22.18
CA LEU A 76 0.25 5.44 22.50
C LEU A 76 0.09 5.50 24.01
N HIS A 77 0.22 6.72 24.56
N HIS A 77 0.20 6.72 24.58
CA HIS A 77 0.06 7.01 25.99
CA HIS A 77 0.06 6.94 26.01
C HIS A 77 -1.30 7.65 26.22
C HIS A 77 -1.27 7.67 26.26
N ILE A 78 -2.09 7.08 27.14
CA ILE A 78 -3.34 7.69 27.61
C ILE A 78 -3.09 8.13 29.05
N THR A 79 -3.21 9.45 29.31
CA THR A 79 -3.06 10.04 30.63
C THR A 79 -4.43 10.11 31.32
N ALA A 80 -4.48 9.75 32.61
CA ALA A 80 -5.67 9.88 33.45
C ALA A 80 -6.90 9.33 32.70
N THR A 81 -6.98 8.00 32.58
CA THR A 81 -8.00 7.34 31.79
C THR A 81 -9.39 7.68 32.36
N LEU A 82 -10.36 7.78 31.44
CA LEU A 82 -11.77 7.94 31.78
C LEU A 82 -12.53 6.71 31.26
N LEU A 83 -13.77 6.57 31.75
CA LEU A 83 -14.65 5.48 31.43
C LEU A 83 -14.79 5.36 29.90
N ASP A 84 -14.89 6.50 29.22
CA ASP A 84 -15.15 6.57 27.76
C ASP A 84 -13.91 6.16 26.94
N ASP A 85 -12.75 5.97 27.59
CA ASP A 85 -11.57 5.41 26.91
C ASP A 85 -11.74 3.90 26.68
N THR A 86 -12.71 3.27 27.37
CA THR A 86 -13.04 1.86 27.14
C THR A 86 -13.34 1.67 25.65
N ALA A 87 -12.45 0.96 24.95
CA ALA A 87 -12.48 0.85 23.49
C ALA A 87 -11.36 -0.07 23.00
N THR A 88 -11.38 -0.37 21.71
CA THR A 88 -10.28 -1.02 21.02
C THR A 88 -9.43 0.04 20.33
N TYR A 89 -8.10 -0.07 20.49
CA TYR A 89 -7.16 0.87 19.93
C TYR A 89 -6.35 0.16 18.85
N ILE A 90 -6.38 0.71 17.64
CA ILE A 90 -5.84 0.05 16.47
C ILE A 90 -4.74 0.91 15.86
N CYS A 91 -3.65 0.21 15.51
CA CYS A 91 -2.47 0.75 14.89
C CYS A 91 -2.50 0.41 13.39
N VAL A 92 -2.16 1.39 12.55
CA VAL A 92 -2.18 1.24 11.07
C VAL A 92 -0.91 1.85 10.49
N VAL A 93 -0.21 1.09 9.64
CA VAL A 93 0.96 1.62 8.91
C VAL A 93 0.59 1.75 7.43
N GLY A 94 0.75 2.96 6.90
CA GLY A 94 0.65 3.21 5.47
C GLY A 94 2.03 3.14 4.83
N ASP A 95 2.13 2.42 3.71
CA ASP A 95 3.42 2.15 3.09
C ASP A 95 3.75 3.19 2.00
N ARG A 96 2.84 4.14 1.73
CA ARG A 96 3.12 5.25 0.80
C ARG A 96 2.58 6.57 1.34
N GLY A 97 3.16 7.68 0.85
CA GLY A 97 2.66 9.03 1.10
C GLY A 97 1.63 9.47 0.06
N SER A 98 0.94 8.50 -0.56
CA SER A 98 -0.06 8.74 -1.60
C SER A 98 -1.05 7.58 -1.64
N ALA A 99 -2.04 7.70 -2.54
CA ALA A 99 -3.14 6.74 -2.68
C ALA A 99 -2.66 5.42 -3.31
N LEU A 100 -1.41 5.39 -3.78
CA LEU A 100 -0.77 4.16 -4.27
C LEU A 100 -0.43 3.22 -3.10
N GLY A 101 -0.60 3.71 -1.86
CA GLY A 101 -0.26 2.96 -0.65
C GLY A 101 -1.32 1.94 -0.27
N ARG A 102 -0.87 0.89 0.41
CA ARG A 102 -1.73 -0.04 1.13
C ARG A 102 -1.60 0.24 2.64
N LEU A 103 -2.71 0.04 3.35
CA LEU A 103 -2.76 0.15 4.80
C LEU A 103 -2.57 -1.24 5.42
N HIS A 104 -1.74 -1.30 6.45
CA HIS A 104 -1.44 -2.53 7.18
C HIS A 104 -1.96 -2.37 8.61
N PHE A 105 -3.06 -3.05 8.93
CA PHE A 105 -3.82 -2.85 10.17
C PHE A 105 -3.37 -3.85 11.22
N GLY A 106 -3.08 -3.36 12.42
CA GLY A 106 -2.93 -4.22 13.59
C GLY A 106 -4.28 -4.73 14.05
N ALA A 107 -4.26 -5.80 14.85
CA ALA A 107 -5.46 -6.49 15.30
C ALA A 107 -6.12 -5.72 16.45
N GLY A 108 -5.37 -4.82 17.10
CA GLY A 108 -5.92 -3.93 18.11
C GLY A 108 -5.62 -4.39 19.53
N THR A 109 -5.74 -3.45 20.47
CA THR A 109 -5.64 -3.66 21.92
C THR A 109 -6.96 -3.25 22.55
N GLN A 110 -7.57 -4.15 23.35
CA GLN A 110 -8.81 -3.84 24.08
C GLN A 110 -8.48 -3.26 25.45
N LEU A 111 -8.91 -2.02 25.68
CA LEU A 111 -8.80 -1.35 26.97
C LEU A 111 -10.17 -1.33 27.65
N ILE A 112 -10.20 -1.72 28.94
CA ILE A 112 -11.34 -1.52 29.82
C ILE A 112 -10.90 -0.64 30.97
N VAL A 113 -11.67 0.44 31.23
CA VAL A 113 -11.43 1.35 32.33
C VAL A 113 -12.54 1.13 33.37
N ILE A 114 -12.16 0.68 34.57
CA ILE A 114 -13.10 0.49 35.67
C ILE A 114 -13.39 1.86 36.30
N PRO A 115 -14.66 2.27 36.38
CA PRO A 115 -15.01 3.61 36.87
C PRO A 115 -14.92 3.71 38.40
N ASP A 116 -14.75 4.95 38.87
CA ASP A 116 -14.58 5.29 40.27
C ASP A 116 -15.95 5.64 40.86
N ILE A 117 -16.46 4.80 41.76
CA ILE A 117 -17.75 5.02 42.44
C ILE A 117 -17.47 5.64 43.82
N GLN A 118 -17.80 6.93 43.96
CA GLN A 118 -17.41 7.76 45.10
C GLN A 118 -18.26 7.41 46.33
N ASN A 119 -19.59 7.49 46.16
CA ASN A 119 -20.54 7.35 47.25
C ASN A 119 -21.47 6.18 46.94
N PRO A 120 -21.01 4.92 47.14
CA PRO A 120 -21.88 3.76 46.94
C PRO A 120 -23.08 3.77 47.91
N ASP A 121 -24.22 3.26 47.43
CA ASP A 121 -25.47 3.23 48.17
C ASP A 121 -26.26 1.99 47.72
N PRO A 122 -25.66 0.78 47.86
CA PRO A 122 -26.23 -0.42 47.24
C PRO A 122 -27.66 -0.72 47.69
N ALA A 123 -28.52 -1.07 46.73
CA ALA A 123 -29.93 -1.33 46.98
C ALA A 123 -30.51 -2.24 45.90
N VAL A 124 -31.59 -2.92 46.24
CA VAL A 124 -32.33 -3.78 45.33
C VAL A 124 -33.77 -3.29 45.30
N TYR A 125 -34.17 -2.70 44.16
CA TYR A 125 -35.51 -2.15 43.97
C TYR A 125 -36.33 -3.07 43.05
N GLN A 126 -37.65 -3.00 43.18
CA GLN A 126 -38.57 -3.71 42.30
C GLN A 126 -39.26 -2.69 41.39
N LEU A 127 -39.27 -2.97 40.08
CA LEU A 127 -39.87 -2.10 39.06
C LEU A 127 -41.03 -2.84 38.40
N ARG A 128 -42.16 -2.16 38.20
CA ARG A 128 -43.35 -2.78 37.61
C ARG A 128 -43.50 -2.29 36.16
N ASP A 129 -44.04 -3.19 35.33
CA ASP A 129 -44.29 -2.96 33.90
C ASP A 129 -45.35 -1.87 33.75
N SER A 130 -45.13 -0.98 32.76
CA SER A 130 -45.96 0.22 32.55
C SER A 130 -47.39 -0.16 32.14
N LYS A 131 -47.52 -1.29 31.42
CA LYS A 131 -48.79 -1.75 30.87
C LYS A 131 -49.38 -2.83 31.80
N SER A 132 -48.93 -4.08 31.63
CA SER A 132 -49.41 -5.23 32.38
C SER A 132 -48.68 -5.30 33.73
N SER A 133 -49.23 -4.63 34.74
CA SER A 133 -48.51 -4.24 35.96
C SER A 133 -48.27 -5.42 36.92
N ASP A 134 -48.74 -6.63 36.55
CA ASP A 134 -48.63 -7.81 37.42
C ASP A 134 -47.32 -8.57 37.18
N LYS A 135 -46.37 -7.98 36.44
CA LYS A 135 -45.01 -8.53 36.29
C LYS A 135 -43.98 -7.40 36.51
N SER A 136 -42.73 -7.80 36.77
CA SER A 136 -41.73 -6.91 37.36
C SER A 136 -40.31 -7.35 37.03
N VAL A 137 -39.34 -6.50 37.40
CA VAL A 137 -37.92 -6.82 37.37
C VAL A 137 -37.32 -6.33 38.70
N CYS A 138 -36.11 -6.82 39.00
CA CYS A 138 -35.36 -6.42 40.18
C CYS A 138 -34.07 -5.70 39.76
N LEU A 139 -33.89 -4.49 40.27
CA LEU A 139 -32.75 -3.66 39.94
C LEU A 139 -31.81 -3.59 41.16
N PHE A 140 -30.65 -4.21 41.02
CA PHE A 140 -29.53 -4.05 41.95
C PHE A 140 -28.66 -2.91 41.42
N THR A 141 -28.53 -1.82 42.19
CA THR A 141 -27.89 -0.60 41.71
C THR A 141 -27.03 0.04 42.81
N ASP A 142 -26.19 0.99 42.38
CA ASP A 142 -25.45 1.93 43.24
C ASP A 142 -24.39 1.20 44.08
N PHE A 143 -23.93 0.04 43.61
CA PHE A 143 -22.82 -0.68 44.27
C PHE A 143 -21.50 -0.28 43.61
N ASP A 144 -20.39 -0.34 44.38
CA ASP A 144 -19.07 0.05 43.87
C ASP A 144 -18.45 -1.14 43.13
N SER A 145 -17.34 -0.87 42.42
CA SER A 145 -16.82 -1.75 41.38
C SER A 145 -16.03 -2.93 41.95
N GLN A 146 -15.92 -3.01 43.29
CA GLN A 146 -15.34 -4.17 43.97
C GLN A 146 -16.38 -5.30 44.05
N THR A 147 -17.65 -5.00 43.78
CA THR A 147 -18.76 -5.98 43.83
C THR A 147 -18.91 -6.67 42.47
N ASN A 148 -19.08 -8.01 42.52
CA ASN A 148 -19.19 -8.87 41.35
C ASN A 148 -20.58 -9.53 41.34
N VAL A 149 -21.28 -9.41 40.20
CA VAL A 149 -22.62 -9.96 40.02
C VAL A 149 -22.50 -11.32 39.34
N SER A 150 -23.03 -12.36 40.01
CA SER A 150 -22.96 -13.73 39.52
C SER A 150 -24.24 -14.09 38.77
N GLN A 151 -24.11 -15.02 37.82
CA GLN A 151 -25.24 -15.53 37.05
C GLN A 151 -26.15 -16.34 37.97
N SER A 152 -27.35 -16.68 37.46
CA SER A 152 -28.40 -17.30 38.23
C SER A 152 -28.10 -18.79 38.45
N LYS A 153 -28.58 -19.33 39.58
CA LYS A 153 -28.53 -20.76 39.88
C LYS A 153 -29.65 -21.47 39.10
N ASP A 154 -30.88 -20.96 39.25
CA ASP A 154 -32.04 -21.40 38.47
C ASP A 154 -31.93 -20.82 37.06
N SER A 155 -32.31 -21.62 36.05
CA SER A 155 -32.14 -21.26 34.62
C SER A 155 -33.47 -20.79 34.02
N ASP A 156 -34.49 -20.58 34.86
CA ASP A 156 -35.68 -19.82 34.49
C ASP A 156 -35.70 -18.49 35.24
N VAL A 157 -34.54 -18.13 35.83
CA VAL A 157 -34.27 -16.81 36.36
C VAL A 157 -33.12 -16.20 35.54
N TYR A 158 -33.27 -14.93 35.17
CA TYR A 158 -32.34 -14.24 34.28
C TYR A 158 -31.69 -13.09 35.03
N ILE A 159 -30.36 -13.01 34.92
CA ILE A 159 -29.58 -11.96 35.57
C ILE A 159 -28.54 -11.47 34.57
N THR A 160 -28.50 -10.14 34.36
CA THR A 160 -27.54 -9.51 33.47
C THR A 160 -26.23 -9.30 34.22
N ASP A 161 -25.14 -9.14 33.46
CA ASP A 161 -23.87 -8.69 34.00
C ASP A 161 -24.07 -7.23 34.46
N LYS A 162 -23.11 -6.71 35.23
CA LYS A 162 -23.20 -5.32 35.67
C LYS A 162 -22.89 -4.40 34.49
N CYS A 163 -23.36 -3.15 34.62
CA CYS A 163 -23.33 -2.14 33.58
C CYS A 163 -23.27 -0.76 34.27
N VAL A 164 -22.44 0.15 33.75
CA VAL A 164 -22.27 1.45 34.37
C VAL A 164 -22.83 2.55 33.45
N LEU A 165 -23.67 3.41 34.02
CA LEU A 165 -24.22 4.56 33.32
C LEU A 165 -23.65 5.84 33.94
N ASP A 166 -23.74 6.92 33.16
CA ASP A 166 -23.10 8.19 33.44
C ASP A 166 -24.10 9.31 33.18
N MET A 167 -24.62 9.89 34.28
CA MET A 167 -25.49 11.05 34.23
C MET A 167 -24.62 12.30 34.14
N ARG A 168 -24.27 12.67 32.90
CA ARG A 168 -23.17 13.60 32.62
C ARG A 168 -23.40 14.96 33.29
N SER A 169 -24.63 15.48 33.20
CA SER A 169 -24.96 16.82 33.71
C SER A 169 -24.79 16.90 35.24
N MET A 170 -24.92 15.77 35.93
CA MET A 170 -24.78 15.68 37.39
C MET A 170 -23.38 15.21 37.80
N ASP A 171 -22.55 14.80 36.82
CA ASP A 171 -21.22 14.20 37.06
C ASP A 171 -21.35 13.02 38.05
N PHE A 172 -22.18 12.05 37.70
CA PHE A 172 -22.55 10.94 38.58
C PHE A 172 -22.56 9.63 37.77
N LYS A 173 -21.89 8.60 38.29
CA LYS A 173 -21.88 7.27 37.68
C LYS A 173 -22.44 6.26 38.68
N SER A 174 -23.11 5.22 38.16
CA SER A 174 -23.64 4.14 38.98
C SER A 174 -23.65 2.83 38.20
N ASN A 175 -23.34 1.74 38.92
CA ASN A 175 -23.44 0.39 38.42
C ASN A 175 -24.86 -0.11 38.63
N SER A 176 -25.28 -1.07 37.81
CA SER A 176 -26.54 -1.77 38.01
C SER A 176 -26.50 -3.15 37.37
N ALA A 177 -27.40 -4.01 37.83
CA ALA A 177 -27.75 -5.24 37.14
C ALA A 177 -29.25 -5.48 37.34
N VAL A 178 -29.82 -6.31 36.46
CA VAL A 178 -31.25 -6.54 36.38
C VAL A 178 -31.50 -8.04 36.52
N ALA A 179 -32.55 -8.42 37.26
CA ALA A 179 -32.99 -9.80 37.34
C ALA A 179 -34.51 -9.86 37.16
N TRP A 180 -34.97 -10.94 36.54
CA TRP A 180 -36.38 -11.21 36.32
C TRP A 180 -36.58 -12.71 36.09
N SER A 181 -37.85 -13.14 36.15
CA SER A 181 -38.29 -14.51 35.99
C SER A 181 -39.82 -14.57 36.05
N ASN A 182 -40.43 -15.56 35.40
CA ASN A 182 -41.88 -15.78 35.49
C ASN A 182 -42.19 -16.76 36.65
N LYS A 183 -41.15 -17.36 37.23
CA LYS A 183 -41.28 -18.24 38.40
C LYS A 183 -41.42 -17.38 39.66
N ASP A 185 -40.63 -19.44 44.22
CA ASP A 185 -41.11 -18.31 43.43
C ASP A 185 -40.05 -17.20 43.48
N PHE A 186 -40.22 -16.17 42.64
CA PHE A 186 -39.23 -15.11 42.45
C PHE A 186 -39.65 -13.82 43.16
N ALA A 187 -38.81 -13.37 44.10
CA ALA A 187 -38.91 -12.07 44.73
C ALA A 187 -37.52 -11.43 44.74
N CYS A 188 -37.48 -10.10 44.93
CA CYS A 188 -36.24 -9.32 44.79
C CYS A 188 -35.28 -9.59 45.97
N ALA A 189 -35.83 -10.07 47.10
CA ALA A 189 -35.03 -10.47 48.27
C ALA A 189 -34.15 -11.68 47.93
N ASN A 190 -34.62 -12.53 47.01
CA ASN A 190 -33.97 -13.80 46.64
C ASN A 190 -33.11 -13.66 45.38
N ALA A 191 -33.38 -12.62 44.57
CA ALA A 191 -32.91 -12.51 43.19
C ALA A 191 -31.39 -12.65 43.08
N PHE A 192 -30.65 -11.99 43.98
CA PHE A 192 -29.20 -11.90 43.89
C PHE A 192 -28.49 -12.71 44.99
N ASN A 193 -29.23 -13.67 45.59
CA ASN A 193 -28.71 -14.56 46.64
C ASN A 193 -27.36 -15.15 46.24
N ASN A 194 -27.23 -15.55 44.96
CA ASN A 194 -26.07 -16.27 44.44
C ASN A 194 -24.88 -15.33 44.20
N SER A 195 -24.98 -14.07 44.64
CA SER A 195 -23.91 -13.07 44.51
C SER A 195 -23.41 -12.66 45.90
N ILE A 196 -22.08 -12.52 46.02
CA ILE A 196 -21.47 -11.87 47.17
C ILE A 196 -21.77 -10.37 47.06
N ILE A 197 -22.87 -9.93 47.68
CA ILE A 197 -23.31 -8.53 47.67
C ILE A 197 -23.00 -7.91 49.02
N PRO A 198 -22.83 -6.57 49.11
CA PRO A 198 -22.57 -5.91 50.40
C PRO A 198 -23.63 -6.21 51.48
N GLU A 199 -23.26 -5.97 52.73
CA GLU A 199 -24.06 -6.31 53.90
C GLU A 199 -25.09 -5.19 54.17
N ASP A 200 -24.73 -3.96 53.83
CA ASP A 200 -25.55 -2.77 54.08
C ASP A 200 -26.57 -2.55 52.96
N THR A 201 -26.65 -3.47 51.99
CA THR A 201 -27.57 -3.36 50.85
C THR A 201 -28.99 -3.08 51.35
N PHE A 202 -29.63 -2.07 50.76
CA PHE A 202 -30.98 -1.63 51.12
C PHE A 202 -32.01 -2.48 50.38
N PHE A 203 -32.87 -3.16 51.16
CA PHE A 203 -34.02 -3.90 50.66
C PHE A 203 -35.29 -3.28 51.23
N PRO A 204 -35.97 -2.36 50.50
CA PRO A 204 -37.15 -1.68 51.04
C PRO A 204 -38.38 -2.60 51.13
N SER A 205 -39.38 -2.16 51.90
CA SER A 205 -40.71 -2.80 52.05
C SER A 205 -40.84 -3.44 53.44
N ALA B 3 -14.92 15.44 4.92
CA ALA B 3 -15.15 14.36 3.90
C ALA B 3 -15.87 13.17 4.57
N ALA B 4 -17.14 12.95 4.18
CA ALA B 4 -18.03 11.97 4.84
C ALA B 4 -18.41 10.85 3.87
N VAL B 5 -18.53 9.63 4.42
CA VAL B 5 -18.86 8.40 3.69
C VAL B 5 -20.03 7.73 4.41
N THR B 6 -21.01 7.23 3.65
CA THR B 6 -22.17 6.56 4.22
C THR B 6 -22.25 5.14 3.68
N GLN B 7 -22.75 4.22 4.52
CA GLN B 7 -22.92 2.80 4.17
C GLN B 7 -24.37 2.40 4.42
N SER B 8 -24.93 1.60 3.49
CA SER B 8 -26.24 1.00 3.67
C SER B 8 -26.22 -0.43 3.14
N PRO B 9 -26.92 -1.36 3.80
CA PRO B 9 -27.55 -1.14 5.09
C PRO B 9 -26.50 -1.12 6.20
N ARG B 10 -26.90 -0.67 7.40
CA ARG B 10 -26.02 -0.60 8.55
C ARG B 10 -26.01 -1.94 9.29
N ASN B 11 -26.96 -2.81 8.97
CA ASN B 11 -27.11 -4.09 9.63
C ASN B 11 -27.98 -4.98 8.74
N LYS B 12 -27.57 -6.25 8.58
CA LYS B 12 -28.24 -7.18 7.66
C LYS B 12 -28.11 -8.62 8.17
N VAL B 13 -29.27 -9.30 8.24
CA VAL B 13 -29.35 -10.74 8.46
C VAL B 13 -29.76 -11.41 7.15
N ALA B 14 -28.98 -12.42 6.74
CA ALA B 14 -29.13 -13.07 5.44
C ALA B 14 -29.03 -14.59 5.60
N VAL B 15 -29.46 -15.32 4.56
CA VAL B 15 -29.44 -16.78 4.52
C VAL B 15 -28.34 -17.23 3.54
N THR B 16 -27.73 -18.39 3.84
CA THR B 16 -26.80 -19.07 2.93
C THR B 16 -27.45 -19.21 1.55
N GLY B 17 -26.69 -18.88 0.50
CA GLY B 17 -27.16 -18.99 -0.88
C GLY B 17 -27.87 -17.73 -1.36
N GLY B 18 -28.29 -16.88 -0.42
CA GLY B 18 -28.90 -15.60 -0.75
C GLY B 18 -27.90 -14.64 -1.37
N LYS B 19 -28.43 -13.60 -2.02
CA LYS B 19 -27.64 -12.54 -2.62
C LYS B 19 -27.70 -11.32 -1.70
N VAL B 20 -26.53 -10.81 -1.32
CA VAL B 20 -26.42 -9.64 -0.45
C VAL B 20 -25.56 -8.59 -1.16
N THR B 21 -26.04 -7.33 -1.12
CA THR B 21 -25.35 -6.19 -1.69
C THR B 21 -25.13 -5.16 -0.58
N LEU B 22 -23.86 -4.79 -0.39
CA LEU B 22 -23.50 -3.72 0.53
C LEU B 22 -23.10 -2.50 -0.30
N SER B 23 -23.62 -1.33 0.08
CA SER B 23 -23.46 -0.13 -0.71
C SER B 23 -22.74 0.94 0.12
N CYS B 24 -21.95 1.75 -0.59
CA CYS B 24 -21.18 2.83 -0.01
C CYS B 24 -21.38 4.07 -0.89
N ASN B 25 -21.78 5.20 -0.26
CA ASN B 25 -21.97 6.47 -0.95
C ASN B 25 -21.05 7.53 -0.35
N GLN B 26 -20.58 8.42 -1.23
CA GLN B 26 -19.45 9.30 -1.01
C GLN B 26 -19.62 10.51 -1.94
N THR B 27 -19.84 11.71 -1.36
CA THR B 27 -20.11 12.93 -2.15
C THR B 27 -18.93 13.91 -2.11
N ASN B 28 -17.70 13.39 -1.97
CA ASN B 28 -16.48 14.21 -1.87
C ASN B 28 -15.81 14.35 -3.24
N ASN B 29 -16.35 13.64 -4.23
CA ASN B 29 -15.76 13.51 -5.57
C ASN B 29 -14.37 12.86 -5.46
N HIS B 30 -14.24 11.89 -4.56
CA HIS B 30 -13.04 11.05 -4.45
C HIS B 30 -13.07 9.98 -5.54
N ASN B 31 -11.96 9.89 -6.28
CA ASN B 31 -11.77 8.86 -7.30
C ASN B 31 -11.73 7.46 -6.66
N ASN B 32 -11.12 7.36 -5.47
CA ASN B 32 -10.66 6.07 -4.96
C ASN B 32 -11.58 5.61 -3.83
N MET B 33 -12.02 4.35 -3.89
CA MET B 33 -12.85 3.75 -2.85
C MET B 33 -12.40 2.31 -2.60
N TYR B 34 -12.66 1.85 -1.37
CA TYR B 34 -12.01 0.69 -0.82
C TYR B 34 -13.00 -0.03 0.11
N TRP B 35 -13.03 -1.37 0.03
CA TRP B 35 -13.86 -2.23 0.88
C TRP B 35 -12.97 -3.14 1.74
N TYR B 36 -13.27 -3.18 3.04
CA TYR B 36 -12.55 -3.96 4.03
C TYR B 36 -13.55 -4.82 4.81
N ARG B 37 -13.09 -5.94 5.38
CA ARG B 37 -13.82 -6.60 6.47
C ARG B 37 -12.94 -6.68 7.72
N GLN B 38 -13.60 -6.59 8.88
CA GLN B 38 -12.97 -6.67 10.20
C GLN B 38 -13.53 -7.90 10.94
N ASP B 39 -12.63 -8.83 11.29
CA ASP B 39 -12.95 -10.01 12.07
C ASP B 39 -12.05 -10.07 13.31
N THR B 40 -12.65 -10.50 14.42
CA THR B 40 -11.96 -10.64 15.71
C THR B 40 -10.69 -11.45 15.49
N GLY B 41 -9.59 -10.97 16.09
CA GLY B 41 -8.27 -11.58 15.96
C GLY B 41 -7.51 -11.11 14.73
N HIS B 42 -8.13 -10.27 13.89
CA HIS B 42 -7.48 -9.73 12.68
C HIS B 42 -7.66 -8.22 12.61
N GLY B 43 -6.73 -7.56 11.92
CA GLY B 43 -6.90 -6.20 11.48
C GLY B 43 -7.82 -6.15 10.28
N LEU B 44 -8.29 -4.96 9.91
CA LEU B 44 -9.06 -4.78 8.69
C LEU B 44 -8.27 -5.38 7.53
N ARG B 45 -8.95 -6.13 6.65
CA ARG B 45 -8.35 -6.72 5.45
C ARG B 45 -9.09 -6.21 4.21
N LEU B 46 -8.30 -5.84 3.19
CA LEU B 46 -8.78 -5.25 1.95
C LEU B 46 -9.39 -6.34 1.04
N ILE B 47 -10.62 -6.11 0.59
CA ILE B 47 -11.37 -7.08 -0.23
C ILE B 47 -11.28 -6.67 -1.71
N HIS B 48 -11.80 -5.47 -2.01
CA HIS B 48 -11.82 -4.89 -3.35
C HIS B 48 -11.61 -3.37 -3.22
N TYR B 49 -11.14 -2.75 -4.31
CA TYR B 49 -11.02 -1.31 -4.37
C TYR B 49 -11.26 -0.85 -5.81
N SER B 50 -11.30 0.48 -5.99
CA SER B 50 -11.66 1.08 -7.25
C SER B 50 -10.97 2.44 -7.35
N TYR B 51 -10.39 2.70 -8.53
CA TYR B 51 -9.74 3.97 -8.85
C TYR B 51 -10.69 4.89 -9.64
N GLY B 52 -11.90 4.41 -9.97
CA GLY B 52 -12.90 5.24 -10.64
C GLY B 52 -14.04 4.42 -11.23
N ALA B 53 -15.05 5.14 -11.72
CA ALA B 53 -16.21 4.53 -12.38
C ALA B 53 -15.73 3.48 -13.38
N GLY B 54 -16.27 2.26 -13.26
CA GLY B 54 -15.96 1.17 -14.19
C GLY B 54 -14.74 0.35 -13.77
N SER B 55 -13.93 0.89 -12.86
CA SER B 55 -12.73 0.22 -12.35
C SER B 55 -13.09 -0.53 -11.06
N THR B 56 -12.73 -1.81 -11.01
CA THR B 56 -12.68 -2.56 -9.77
C THR B 56 -11.43 -3.42 -9.78
N GLU B 57 -10.78 -3.52 -8.63
CA GLU B 57 -9.51 -4.22 -8.47
C GLU B 57 -9.63 -5.19 -7.30
N LYS B 58 -8.97 -6.35 -7.44
CA LYS B 58 -8.92 -7.34 -6.39
C LYS B 58 -7.99 -6.84 -5.28
N GLY B 59 -8.45 -6.97 -4.03
CA GLY B 59 -7.66 -6.70 -2.84
C GLY B 59 -6.89 -7.92 -2.40
N ASP B 60 -6.77 -8.11 -1.07
CA ASP B 60 -6.00 -9.20 -0.49
C ASP B 60 -6.89 -10.46 -0.35
N ILE B 61 -8.19 -10.27 -0.09
CA ILE B 61 -9.10 -11.41 0.15
C ILE B 61 -10.37 -11.25 -0.67
N PRO B 62 -10.26 -11.26 -2.02
CA PRO B 62 -11.41 -11.02 -2.90
C PRO B 62 -12.39 -12.19 -3.11
N ASP B 63 -11.98 -13.41 -2.80
CA ASP B 63 -12.75 -14.63 -3.12
C ASP B 63 -14.11 -14.60 -2.40
N GLY B 64 -15.18 -14.79 -3.17
CA GLY B 64 -16.54 -14.84 -2.67
C GLY B 64 -17.25 -13.49 -2.76
N TYR B 65 -16.54 -12.48 -3.27
CA TYR B 65 -17.05 -11.14 -3.41
C TYR B 65 -16.85 -10.65 -4.85
N LYS B 66 -17.83 -9.85 -5.30
CA LYS B 66 -17.77 -9.07 -6.52
C LYS B 66 -17.93 -7.60 -6.14
N ALA B 67 -17.18 -6.72 -6.80
CA ALA B 67 -17.29 -5.29 -6.58
C ALA B 67 -17.92 -4.63 -7.81
N SER B 68 -18.47 -3.43 -7.61
CA SER B 68 -19.15 -2.69 -8.66
C SER B 68 -19.01 -1.18 -8.39
N ARG B 69 -18.51 -0.46 -9.39
CA ARG B 69 -18.36 0.99 -9.32
C ARG B 69 -19.11 1.61 -10.48
N PRO B 70 -20.46 1.76 -10.39
CA PRO B 70 -21.24 2.36 -11.47
C PRO B 70 -21.10 3.89 -11.64
N SER B 71 -20.63 4.58 -10.60
CA SER B 71 -20.46 6.02 -10.61
C SER B 71 -19.36 6.41 -9.61
N GLN B 72 -18.88 7.66 -9.72
CA GLN B 72 -17.89 8.23 -8.82
C GLN B 72 -18.38 8.11 -7.36
N GLU B 73 -19.70 8.22 -7.17
CA GLU B 73 -20.33 8.37 -5.85
C GLU B 73 -20.51 7.03 -5.11
N ASN B 74 -20.80 5.95 -5.85
N ASN B 74 -20.82 5.96 -5.85
CA ASN B 74 -21.28 4.71 -5.25
CA ASN B 74 -21.28 4.69 -5.26
C ASN B 74 -20.32 3.54 -5.58
C ASN B 74 -20.30 3.55 -5.58
N PHE B 75 -19.96 2.77 -4.55
CA PHE B 75 -19.13 1.57 -4.67
C PHE B 75 -19.83 0.45 -3.89
N SER B 76 -20.14 -0.66 -4.58
CA SER B 76 -20.96 -1.72 -4.03
C SER B 76 -20.14 -3.00 -3.89
N LEU B 77 -20.44 -3.77 -2.83
CA LEU B 77 -19.87 -5.07 -2.59
C LEU B 77 -21.01 -6.09 -2.67
N ILE B 78 -20.86 -7.05 -3.59
CA ILE B 78 -21.90 -7.99 -3.92
C ILE B 78 -21.44 -9.39 -3.49
N LEU B 79 -22.20 -10.01 -2.58
CA LEU B 79 -22.07 -11.41 -2.22
C LEU B 79 -23.15 -12.19 -2.99
N GLU B 80 -22.75 -12.85 -4.08
CA GLU B 80 -23.70 -13.47 -5.01
C GLU B 80 -24.34 -14.69 -4.34
N LEU B 81 -23.51 -15.49 -3.65
CA LEU B 81 -23.94 -16.69 -2.92
C LEU B 81 -23.37 -16.63 -1.50
N ALA B 82 -24.07 -15.93 -0.61
CA ALA B 82 -23.61 -15.66 0.75
C ALA B 82 -23.30 -16.97 1.48
N THR B 83 -22.23 -16.96 2.29
CA THR B 83 -21.85 -18.07 3.16
C THR B 83 -21.66 -17.55 4.59
N PRO B 84 -21.82 -18.40 5.62
CA PRO B 84 -21.58 -18.00 7.02
C PRO B 84 -20.18 -17.40 7.30
N SER B 85 -19.17 -17.81 6.51
CA SER B 85 -17.80 -17.28 6.64
C SER B 85 -17.74 -15.78 6.31
N GLN B 86 -18.81 -15.23 5.71
CA GLN B 86 -18.88 -13.80 5.36
C GLN B 86 -19.59 -13.00 6.46
N THR B 87 -20.04 -13.67 7.53
CA THR B 87 -20.43 -12.98 8.76
C THR B 87 -19.24 -12.13 9.22
N SER B 88 -19.44 -10.82 9.32
CA SER B 88 -18.35 -9.86 9.58
C SER B 88 -18.91 -8.44 9.73
N VAL B 89 -17.99 -7.50 9.96
CA VAL B 89 -18.25 -6.07 9.88
C VAL B 89 -17.48 -5.53 8.67
N TYR B 90 -18.19 -4.83 7.77
CA TYR B 90 -17.65 -4.39 6.50
C TYR B 90 -17.49 -2.86 6.54
N PHE B 91 -16.30 -2.39 6.18
CA PHE B 91 -15.98 -0.98 6.17
C PHE B 91 -15.59 -0.55 4.76
N CYS B 92 -16.20 0.55 4.33
CA CYS B 92 -15.89 1.21 3.09
C CYS B 92 -15.10 2.48 3.40
N ALA B 93 -14.22 2.88 2.48
CA ALA B 93 -13.47 4.11 2.62
C ALA B 93 -13.29 4.74 1.24
N SER B 94 -13.02 6.05 1.26
CA SER B 94 -12.75 6.80 0.04
C SER B 94 -11.52 7.70 0.26
N GLY B 95 -10.92 8.12 -0.85
CA GLY B 95 -9.80 9.05 -0.81
C GLY B 95 -9.51 9.65 -2.16
N ASP B 96 -8.73 10.74 -2.14
CA ASP B 96 -8.21 11.36 -3.34
C ASP B 96 -6.79 10.84 -3.56
N GLU B 97 -5.92 11.65 -4.18
CA GLU B 97 -4.55 11.24 -4.52
C GLU B 97 -3.69 11.08 -3.25
N GLY B 98 -4.09 11.73 -2.15
CA GLY B 98 -3.38 11.64 -0.86
C GLY B 98 -3.56 10.28 -0.20
N TYR B 99 -2.83 10.04 0.89
CA TYR B 99 -2.78 8.71 1.52
C TYR B 99 -3.96 8.49 2.48
N THR B 100 -4.66 9.55 2.89
CA THR B 100 -5.77 9.43 3.85
C THR B 100 -6.95 8.69 3.20
N GLN B 101 -7.42 7.64 3.89
CA GLN B 101 -8.65 6.97 3.58
C GLN B 101 -9.66 7.34 4.67
N TYR B 102 -10.83 7.84 4.24
CA TYR B 102 -11.91 8.28 5.14
C TYR B 102 -12.92 7.16 5.26
N PHE B 103 -13.05 6.58 6.46
CA PHE B 103 -13.83 5.37 6.69
C PHE B 103 -15.30 5.71 6.96
N GLY B 104 -16.20 4.85 6.46
CA GLY B 104 -17.62 4.85 6.78
C GLY B 104 -17.87 4.22 8.15
N PRO B 105 -19.13 4.20 8.63
CA PRO B 105 -19.44 3.73 9.99
C PRO B 105 -19.53 2.21 10.17
N GLY B 106 -19.45 1.46 9.07
CA GLY B 106 -19.43 0.01 9.11
C GLY B 106 -20.81 -0.59 8.91
N THR B 107 -20.82 -1.83 8.42
CA THR B 107 -22.02 -2.62 8.18
C THR B 107 -21.82 -4.01 8.82
N ARG B 108 -22.73 -4.40 9.70
CA ARG B 108 -22.72 -5.73 10.31
C ARG B 108 -23.57 -6.69 9.48
N LEU B 109 -22.97 -7.82 9.10
CA LEU B 109 -23.63 -8.84 8.31
C LEU B 109 -23.56 -10.17 9.06
N LEU B 110 -24.71 -10.81 9.23
CA LEU B 110 -24.81 -12.16 9.74
C LEU B 110 -25.45 -13.02 8.66
N VAL B 111 -24.73 -14.07 8.25
CA VAL B 111 -25.26 -15.07 7.31
C VAL B 111 -25.61 -16.32 8.12
N LEU B 112 -26.92 -16.61 8.22
CA LEU B 112 -27.44 -17.79 8.92
C LEU B 112 -27.55 -18.96 7.93
N GLU B 113 -27.45 -20.18 8.47
CA GLU B 113 -27.68 -21.39 7.70
C GLU B 113 -29.15 -21.45 7.26
N ASP B 114 -30.04 -20.92 8.10
CA ASP B 114 -31.48 -21.08 7.97
C ASP B 114 -32.20 -19.96 8.74
N LEU B 115 -33.39 -19.57 8.26
CA LEU B 115 -34.15 -18.44 8.80
C LEU B 115 -35.34 -18.91 9.67
N ARG B 116 -35.45 -20.20 9.95
CA ARG B 116 -36.67 -20.78 10.52
C ARG B 116 -36.94 -20.25 11.94
N ASN B 117 -35.88 -19.83 12.66
CA ASN B 117 -36.00 -19.44 14.06
C ASN B 117 -36.07 -17.93 14.24
N VAL B 118 -35.97 -17.15 13.15
CA VAL B 118 -35.93 -15.69 13.24
C VAL B 118 -37.26 -15.20 13.85
N THR B 119 -37.16 -14.34 14.88
CA THR B 119 -38.30 -13.85 15.67
C THR B 119 -37.99 -12.47 16.21
N PRO B 120 -38.90 -11.47 16.07
CA PRO B 120 -38.68 -10.15 16.63
C PRO B 120 -38.91 -10.10 18.14
N PRO B 121 -38.38 -9.08 18.84
CA PRO B 121 -38.54 -8.99 20.29
C PRO B 121 -39.95 -8.57 20.74
N LYS B 122 -40.30 -8.96 21.97
CA LYS B 122 -41.27 -8.27 22.78
C LYS B 122 -40.52 -7.23 23.61
N VAL B 123 -41.11 -6.05 23.78
CA VAL B 123 -40.48 -4.97 24.51
C VAL B 123 -41.41 -4.52 25.64
N SER B 124 -40.84 -4.41 26.84
CA SER B 124 -41.55 -3.94 28.02
C SER B 124 -40.71 -2.87 28.73
N LEU B 125 -41.37 -1.81 29.19
CA LEU B 125 -40.75 -0.72 29.94
C LEU B 125 -41.20 -0.82 31.40
N PHE B 126 -40.22 -0.85 32.31
CA PHE B 126 -40.49 -0.96 33.74
C PHE B 126 -40.24 0.41 34.38
N GLU B 127 -41.22 0.88 35.14
CA GLU B 127 -41.24 2.25 35.66
C GLU B 127 -40.46 2.31 36.97
N PRO B 128 -39.91 3.48 37.34
CA PRO B 128 -39.10 3.63 38.55
C PRO B 128 -39.82 3.26 39.86
N SER B 129 -39.05 2.68 40.79
CA SER B 129 -39.44 2.38 42.16
C SER B 129 -39.56 3.66 42.98
N LYS B 130 -40.66 3.79 43.72
CA LYS B 130 -40.88 4.94 44.62
C LYS B 130 -39.86 4.90 45.76
N ALA B 131 -39.44 3.68 46.15
CA ALA B 131 -38.36 3.48 47.10
C ALA B 131 -37.08 4.17 46.59
N GLU B 132 -36.68 3.85 45.35
CA GLU B 132 -35.47 4.46 44.76
C GLU B 132 -35.60 5.99 44.79
N ILE B 133 -36.77 6.49 44.39
CA ILE B 133 -37.01 7.92 44.28
C ILE B 133 -36.77 8.60 45.64
N SER B 134 -37.35 8.05 46.71
CA SER B 134 -37.23 8.64 48.05
C SER B 134 -35.80 8.44 48.60
N HIS B 135 -35.16 7.31 48.27
CA HIS B 135 -33.83 6.98 48.81
C HIS B 135 -32.73 7.81 48.12
N THR B 136 -32.84 8.05 46.80
CA THR B 136 -31.71 8.58 46.00
C THR B 136 -32.03 9.90 45.28
N GLN B 137 -33.32 10.30 45.28
CA GLN B 137 -33.83 11.41 44.45
C GLN B 137 -33.52 11.17 42.96
N LYS B 138 -33.40 9.89 42.59
CA LYS B 138 -33.20 9.50 41.19
C LYS B 138 -34.23 8.44 40.82
N ALA B 139 -34.45 8.30 39.50
CA ALA B 139 -35.46 7.44 38.93
C ALA B 139 -34.85 6.64 37.77
N THR B 140 -34.79 5.31 37.94
CA THR B 140 -34.25 4.40 36.93
C THR B 140 -35.40 3.68 36.23
N LEU B 141 -35.50 3.87 34.91
CA LEU B 141 -36.37 3.10 34.04
C LEU B 141 -35.57 1.90 33.50
N VAL B 142 -36.24 0.76 33.36
CA VAL B 142 -35.64 -0.42 32.75
C VAL B 142 -36.46 -0.83 31.54
N CYS B 143 -35.74 -1.07 30.43
CA CYS B 143 -36.28 -1.63 29.22
C CYS B 143 -35.80 -3.07 29.06
N LEU B 144 -36.72 -3.95 28.62
CA LEU B 144 -36.48 -5.37 28.48
C LEU B 144 -36.97 -5.81 27.09
N ALA B 145 -36.04 -6.25 26.25
CA ALA B 145 -36.34 -6.89 24.99
C ALA B 145 -36.14 -8.41 25.16
N THR B 146 -37.15 -9.20 24.79
CA THR B 146 -37.15 -10.65 25.01
C THR B 146 -37.70 -11.39 23.78
N GLY B 147 -37.26 -12.64 23.64
CA GLY B 147 -37.85 -13.62 22.73
C GLY B 147 -37.37 -13.47 21.30
N PHE B 148 -36.24 -12.79 21.07
CA PHE B 148 -35.81 -12.45 19.70
C PHE B 148 -34.62 -13.31 19.24
N TYR B 149 -34.57 -13.54 17.92
CA TYR B 149 -33.50 -14.24 17.24
C TYR B 149 -33.39 -13.72 15.81
N PRO B 150 -32.18 -13.50 15.29
CA PRO B 150 -30.90 -13.58 16.00
C PRO B 150 -30.67 -12.30 16.83
N ASP B 151 -29.42 -12.04 17.22
CA ASP B 151 -29.12 -11.04 18.25
C ASP B 151 -28.78 -9.66 17.65
N HIS B 152 -29.22 -9.40 16.41
CA HIS B 152 -28.99 -8.11 15.74
C HIS B 152 -30.12 -7.14 16.07
N VAL B 153 -29.93 -6.38 17.17
CA VAL B 153 -30.87 -5.38 17.63
C VAL B 153 -30.10 -4.13 18.07
N GLU B 154 -30.75 -2.96 17.90
CA GLU B 154 -30.26 -1.68 18.40
C GLU B 154 -31.34 -1.12 19.33
N LEU B 155 -31.00 -1.02 20.63
CA LEU B 155 -31.87 -0.45 21.63
C LEU B 155 -31.46 1.01 21.86
N SER B 156 -32.46 1.91 21.89
CA SER B 156 -32.25 3.36 22.11
C SER B 156 -33.39 3.92 22.96
N TRP B 157 -33.08 5.03 23.67
CA TRP B 157 -34.05 5.73 24.50
C TRP B 157 -34.43 7.06 23.85
N TRP B 158 -35.72 7.42 23.98
CA TRP B 158 -36.28 8.63 23.41
C TRP B 158 -37.14 9.33 24.45
N VAL B 159 -36.83 10.59 24.70
CA VAL B 159 -37.57 11.46 25.59
C VAL B 159 -38.15 12.59 24.74
N ASN B 160 -39.48 12.69 24.71
CA ASN B 160 -40.20 13.70 23.94
C ASN B 160 -39.70 13.72 22.49
N GLY B 161 -39.52 12.52 21.91
CA GLY B 161 -39.23 12.37 20.48
C GLY B 161 -37.78 12.68 20.11
N LYS B 162 -36.90 12.80 21.11
CA LYS B 162 -35.47 13.01 20.89
C LYS B 162 -34.66 11.99 21.67
N GLU B 163 -33.67 11.40 21.00
CA GLU B 163 -32.85 10.34 21.53
C GLU B 163 -31.98 10.89 22.68
N VAL B 164 -31.88 10.12 23.78
CA VAL B 164 -31.02 10.46 24.92
C VAL B 164 -29.90 9.41 25.00
N HIS B 165 -28.71 9.86 25.42
CA HIS B 165 -27.53 9.03 25.64
C HIS B 165 -27.07 9.12 27.10
N SER B 166 -27.04 10.35 27.64
CA SER B 166 -26.71 10.58 29.03
C SER B 166 -27.66 9.78 29.92
N GLY B 167 -27.07 9.08 30.90
CA GLY B 167 -27.82 8.33 31.91
C GLY B 167 -28.22 6.96 31.42
N VAL B 168 -27.68 6.52 30.29
CA VAL B 168 -28.09 5.26 29.66
C VAL B 168 -26.95 4.25 29.75
N CYS B 169 -27.30 2.99 30.00
CA CYS B 169 -26.40 1.92 29.66
C CYS B 169 -27.20 0.66 29.31
N THR B 170 -26.71 -0.03 28.28
CA THR B 170 -27.34 -1.21 27.70
C THR B 170 -26.37 -2.37 27.84
N ASP B 171 -26.90 -3.56 28.18
CA ASP B 171 -26.09 -4.78 28.27
C ASP B 171 -25.17 -4.84 27.06
N PRO B 172 -23.87 -5.18 27.23
CA PRO B 172 -22.93 -5.20 26.11
C PRO B 172 -23.26 -6.34 25.12
N GLN B 173 -23.78 -7.47 25.61
CA GLN B 173 -24.30 -8.55 24.75
C GLN B 173 -25.63 -9.05 25.27
N PRO B 174 -26.56 -9.49 24.38
CA PRO B 174 -27.77 -10.19 24.80
C PRO B 174 -27.45 -11.50 25.53
N LEU B 175 -28.33 -11.92 26.43
CA LEU B 175 -28.22 -13.22 27.07
C LEU B 175 -29.22 -14.20 26.43
N LYS B 176 -28.91 -15.49 26.52
CA LYS B 176 -29.67 -16.56 25.89
C LYS B 176 -30.71 -17.05 26.91
N GLU B 177 -31.95 -17.25 26.44
CA GLU B 177 -33.09 -17.57 27.31
C GLU B 177 -33.07 -19.06 27.65
N GLN B 178 -32.62 -19.87 26.69
CA GLN B 178 -32.40 -21.31 26.85
C GLN B 178 -30.98 -21.65 26.41
N PRO B 179 -29.94 -21.48 27.27
CA PRO B 179 -28.56 -21.74 26.88
C PRO B 179 -28.31 -23.19 26.38
N ALA B 180 -29.13 -24.13 26.84
CA ALA B 180 -29.07 -25.53 26.42
C ALA B 180 -29.24 -25.66 24.90
N LEU B 181 -30.28 -24.99 24.35
CA LEU B 181 -30.74 -25.20 22.97
C LEU B 181 -29.81 -24.51 21.96
N ASN B 182 -29.90 -24.96 20.70
CA ASN B 182 -28.97 -24.60 19.63
C ASN B 182 -29.25 -23.16 19.17
N ASP B 183 -30.51 -22.88 18.85
CA ASP B 183 -30.96 -21.59 18.32
C ASP B 183 -31.78 -20.87 19.39
N SER B 184 -31.18 -20.68 20.58
CA SER B 184 -31.83 -20.02 21.69
C SER B 184 -32.23 -18.60 21.29
N ARG B 185 -33.41 -18.17 21.77
CA ARG B 185 -33.82 -16.77 21.68
C ARG B 185 -32.99 -15.97 22.70
N TYR B 186 -32.96 -14.64 22.52
CA TYR B 186 -32.19 -13.76 23.37
C TYR B 186 -33.09 -12.75 24.11
N SER B 187 -32.57 -12.27 25.23
CA SER B 187 -33.09 -11.15 25.96
C SER B 187 -31.99 -10.09 26.11
N LEU B 188 -32.41 -8.82 26.14
CA LEU B 188 -31.51 -7.69 26.30
C LEU B 188 -32.22 -6.66 27.18
N SER B 189 -31.45 -6.08 28.12
CA SER B 189 -31.97 -5.07 29.02
C SER B 189 -31.15 -3.77 28.87
N SER B 190 -31.78 -2.66 29.24
CA SER B 190 -31.14 -1.36 29.25
C SER B 190 -31.75 -0.52 30.37
N ARG B 191 -30.98 0.43 30.89
CA ARG B 191 -31.46 1.34 31.92
C ARG B 191 -31.32 2.78 31.42
N LEU B 192 -32.30 3.61 31.78
CA LEU B 192 -32.22 5.06 31.69
C LEU B 192 -32.49 5.63 33.09
N ARG B 193 -31.50 6.34 33.65
CA ARG B 193 -31.64 6.94 34.97
C ARG B 193 -31.70 8.48 34.84
N VAL B 194 -32.78 9.05 35.40
CA VAL B 194 -33.01 10.48 35.41
C VAL B 194 -33.21 10.92 36.86
N SER B 195 -33.23 12.24 37.08
CA SER B 195 -33.59 12.83 38.37
C SER B 195 -35.09 12.62 38.62
N ALA B 196 -35.46 12.42 39.89
CA ALA B 196 -36.85 12.19 40.28
C ALA B 196 -37.76 13.27 39.68
N THR B 197 -37.35 14.54 39.77
CA THR B 197 -38.17 15.66 39.30
C THR B 197 -38.43 15.57 37.79
N PHE B 198 -37.47 14.99 37.05
CA PHE B 198 -37.62 14.79 35.61
C PHE B 198 -38.67 13.72 35.33
N TRP B 199 -38.60 12.60 36.07
CA TRP B 199 -39.58 11.52 35.93
C TRP B 199 -40.95 11.97 36.47
N GLN B 200 -40.96 12.92 37.42
CA GLN B 200 -42.19 13.36 38.09
C GLN B 200 -42.97 14.35 37.22
N ASN B 201 -42.33 14.92 36.18
CA ASN B 201 -42.96 15.87 35.27
C ASN B 201 -43.82 15.10 34.26
N PRO B 202 -45.17 15.25 34.28
CA PRO B 202 -46.04 14.46 33.42
C PRO B 202 -46.14 14.92 31.96
N ARG B 203 -45.38 15.97 31.58
CA ARG B 203 -45.24 16.37 30.19
C ARG B 203 -44.02 15.67 29.56
N ASN B 204 -43.32 14.82 30.33
CA ASN B 204 -42.19 14.06 29.82
C ASN B 204 -42.66 12.67 29.37
N HIS B 205 -42.43 12.37 28.09
CA HIS B 205 -42.78 11.08 27.48
C HIS B 205 -41.51 10.25 27.26
N PHE B 206 -41.48 9.05 27.85
CA PHE B 206 -40.36 8.14 27.75
C PHE B 206 -40.73 6.99 26.82
N ARG B 207 -39.80 6.63 25.94
CA ARG B 207 -39.96 5.51 25.05
C ARG B 207 -38.61 4.79 24.92
N CYS B 208 -38.66 3.46 25.09
CA CYS B 208 -37.57 2.59 24.74
C CYS B 208 -37.92 1.89 23.42
N GLN B 209 -36.98 1.90 22.48
CA GLN B 209 -37.18 1.43 21.11
C GLN B 209 -36.13 0.36 20.78
N VAL B 210 -36.58 -0.76 20.20
CA VAL B 210 -35.66 -1.76 19.69
C VAL B 210 -35.88 -1.90 18.18
N GLN B 211 -34.82 -1.60 17.43
CA GLN B 211 -34.73 -1.85 16.00
C GLN B 211 -34.19 -3.26 15.84
N PHE B 212 -35.03 -4.14 15.27
CA PHE B 212 -34.70 -5.54 15.05
C PHE B 212 -34.41 -5.75 13.57
N TYR B 213 -33.31 -6.45 13.28
CA TYR B 213 -32.97 -6.81 11.93
C TYR B 213 -33.34 -8.27 11.71
N GLY B 214 -34.16 -8.51 10.69
CA GLY B 214 -34.73 -9.81 10.38
C GLY B 214 -34.87 -9.97 8.88
N LEU B 215 -36.01 -10.52 8.44
CA LEU B 215 -36.22 -10.83 7.03
C LEU B 215 -36.54 -9.55 6.26
N SER B 216 -36.28 -9.61 4.95
CA SER B 216 -36.66 -8.59 3.98
C SER B 216 -38.00 -8.97 3.34
N GLU B 217 -38.54 -8.04 2.54
CA GLU B 217 -39.80 -8.23 1.80
C GLU B 217 -39.69 -9.44 0.87
N ASN B 218 -38.52 -9.61 0.24
CA ASN B 218 -38.31 -10.58 -0.84
C ASN B 218 -37.99 -11.99 -0.29
N ASP B 219 -37.78 -12.12 1.03
CA ASP B 219 -37.38 -13.40 1.64
C ASP B 219 -38.61 -14.33 1.71
N GLU B 220 -38.41 -15.59 1.30
CA GLU B 220 -39.46 -16.61 1.31
C GLU B 220 -39.82 -16.93 2.77
N TRP B 221 -41.10 -17.23 3.02
CA TRP B 221 -41.59 -17.54 4.35
C TRP B 221 -42.73 -18.56 4.27
N THR B 222 -42.51 -19.74 4.84
CA THR B 222 -43.39 -20.90 4.66
C THR B 222 -44.17 -21.22 5.95
N GLN B 223 -43.72 -20.71 7.10
CA GLN B 223 -44.36 -20.98 8.39
C GLN B 223 -45.66 -20.19 8.53
N ASP B 224 -46.51 -20.65 9.45
CA ASP B 224 -47.84 -20.08 9.72
C ASP B 224 -47.69 -18.67 10.30
N ARG B 225 -46.86 -18.52 11.33
CA ARG B 225 -46.73 -17.27 12.11
C ARG B 225 -46.33 -16.10 11.19
N ALA B 226 -46.58 -14.88 11.67
CA ALA B 226 -46.23 -13.64 10.95
C ALA B 226 -44.75 -13.67 10.52
N LYS B 227 -44.49 -13.18 9.31
CA LYS B 227 -43.16 -13.09 8.74
C LYS B 227 -42.30 -12.15 9.58
N PRO B 228 -41.18 -12.63 10.18
CA PRO B 228 -40.39 -11.82 11.11
C PRO B 228 -39.44 -10.85 10.40
N VAL B 229 -40.01 -9.76 9.89
CA VAL B 229 -39.29 -8.80 9.06
C VAL B 229 -38.55 -7.82 9.97
N THR B 230 -37.58 -7.12 9.37
CA THR B 230 -36.93 -5.96 9.99
C THR B 230 -38.04 -5.00 10.43
N GLN B 231 -38.00 -4.59 11.70
CA GLN B 231 -39.06 -3.79 12.29
C GLN B 231 -38.59 -3.15 13.60
N ILE B 232 -39.39 -2.18 14.07
CA ILE B 232 -39.22 -1.52 15.35
C ILE B 232 -40.33 -2.01 16.29
N VAL B 233 -39.93 -2.30 17.53
CA VAL B 233 -40.83 -2.58 18.61
C VAL B 233 -40.43 -1.65 19.75
N SER B 234 -41.43 -1.04 20.40
CA SER B 234 -41.15 -0.04 21.42
C SER B 234 -42.15 -0.16 22.57
N ALA B 235 -41.77 0.40 23.72
CA ALA B 235 -42.65 0.56 24.87
C ALA B 235 -42.40 1.95 25.48
N GLU B 236 -43.44 2.45 26.16
CA GLU B 236 -43.63 3.87 26.33
C GLU B 236 -44.30 4.12 27.69
N ALA B 237 -43.95 5.24 28.33
CA ALA B 237 -44.62 5.69 29.55
C ALA B 237 -44.43 7.20 29.72
N TRP B 238 -45.43 7.82 30.35
CA TRP B 238 -45.40 9.23 30.75
C TRP B 238 -44.91 9.35 32.19
N GLY B 239 -44.19 10.44 32.47
CA GLY B 239 -43.87 10.82 33.83
C GLY B 239 -45.13 11.14 34.63
N ARG B 240 -45.00 11.15 35.96
CA ARG B 240 -46.11 11.40 36.90
C ARG B 240 -45.57 11.75 38.28
N ALA B 241 -46.38 12.49 39.06
CA ALA B 241 -46.03 12.94 40.40
C ALA B 241 -45.84 11.73 41.33
N LYS C 6 37.53 16.69 -19.24
CA LYS C 6 37.25 17.85 -18.31
C LYS C 6 35.86 17.66 -17.67
N ASN C 7 34.80 17.80 -18.48
CA ASN C 7 33.41 17.65 -18.04
C ASN C 7 33.00 16.18 -18.18
N TYR C 8 32.47 15.61 -17.10
CA TYR C 8 32.03 14.21 -17.07
C TYR C 8 30.54 14.17 -16.71
N THR C 9 29.77 13.38 -17.46
CA THR C 9 28.39 13.11 -17.12
C THR C 9 28.30 11.71 -16.48
N PHE C 10 27.63 11.68 -15.33
CA PHE C 10 27.28 10.51 -14.58
C PHE C 10 25.83 10.15 -14.88
N ARG C 11 25.60 8.93 -15.37
CA ARG C 11 24.30 8.47 -15.85
C ARG C 11 23.94 7.14 -15.18
N CYS C 12 22.85 7.15 -14.40
CA CYS C 12 22.18 5.96 -13.92
C CYS C 12 21.02 5.63 -14.86
N LEU C 13 21.09 4.48 -15.53
CA LEU C 13 20.10 4.10 -16.51
C LEU C 13 19.31 2.91 -15.98
N GLN C 14 17.99 3.07 -15.94
CA GLN C 14 17.08 2.02 -15.50
C GLN C 14 16.17 1.67 -16.67
N MET C 15 16.01 0.35 -16.91
CA MET C 15 15.16 -0.23 -17.95
C MET C 15 14.17 -1.19 -17.26
N SER C 16 12.87 -0.90 -17.38
CA SER C 16 11.84 -1.73 -16.76
C SER C 16 10.82 -2.19 -17.80
N SER C 17 10.70 -3.52 -17.95
CA SER C 17 9.70 -4.17 -18.82
C SER C 17 8.58 -4.75 -17.96
N PHE C 18 7.34 -4.37 -18.29
CA PHE C 18 6.14 -4.94 -17.68
C PHE C 18 5.35 -5.66 -18.79
N ALA C 19 5.41 -7.00 -18.81
CA ALA C 19 4.83 -7.81 -19.89
C ALA C 19 3.31 -7.95 -19.71
N ASN C 20 2.88 -8.06 -18.45
CA ASN C 20 1.47 -8.19 -18.07
C ASN C 20 1.36 -7.88 -16.57
N ARG C 21 0.17 -8.11 -15.99
CA ARG C 21 -0.17 -7.77 -14.60
C ARG C 21 0.82 -8.35 -13.59
N SER C 22 1.37 -9.54 -13.88
CA SER C 22 2.17 -10.30 -12.91
C SER C 22 3.68 -10.17 -13.17
N TRP C 23 4.09 -10.13 -14.44
CA TRP C 23 5.51 -10.28 -14.86
C TRP C 23 6.17 -8.92 -15.12
N SER C 24 7.33 -8.69 -14.49
CA SER C 24 8.15 -7.51 -14.78
C SER C 24 9.61 -7.78 -14.40
N ARG C 25 10.53 -7.00 -15.00
CA ARG C 25 11.92 -6.99 -14.58
C ARG C 25 12.49 -5.58 -14.76
N THR C 26 13.37 -5.21 -13.82
CA THR C 26 14.08 -3.94 -13.81
C THR C 26 15.59 -4.23 -13.76
N ASP C 27 16.31 -3.75 -14.78
CA ASP C 27 17.79 -3.84 -14.85
C ASP C 27 18.36 -2.43 -14.94
N SER C 28 19.50 -2.19 -14.26
CA SER C 28 20.17 -0.88 -14.27
C SER C 28 21.66 -1.02 -14.60
N VAL C 29 22.21 0.02 -15.24
CA VAL C 29 23.65 0.21 -15.44
C VAL C 29 23.99 1.67 -15.10
N VAL C 30 25.23 1.90 -14.67
CA VAL C 30 25.71 3.24 -14.33
C VAL C 30 26.98 3.53 -15.12
N TRP C 31 27.05 4.74 -15.69
CA TRP C 31 28.15 5.23 -16.51
C TRP C 31 28.71 6.54 -15.93
N LEU C 32 30.04 6.61 -15.81
CA LEU C 32 30.75 7.85 -15.62
C LEU C 32 31.55 8.11 -16.90
N GLY C 33 31.17 9.14 -17.66
CA GLY C 33 31.64 9.28 -19.03
C GLY C 33 31.23 8.08 -19.86
N ASP C 34 32.20 7.38 -20.44
CA ASP C 34 31.95 6.19 -21.25
C ASP C 34 32.44 4.91 -20.54
N LEU C 35 32.76 4.99 -19.24
CA LEU C 35 33.15 3.82 -18.43
C LEU C 35 32.01 3.38 -17.51
N GLN C 36 31.72 2.08 -17.48
CA GLN C 36 30.68 1.51 -16.62
C GLN C 36 31.23 1.36 -15.20
N THR C 37 30.46 1.86 -14.21
CA THR C 37 30.84 1.83 -12.81
C THR C 37 29.99 0.86 -12.00
N HIS C 38 28.73 0.64 -12.40
CA HIS C 38 27.84 -0.26 -11.65
C HIS C 38 26.96 -1.06 -12.63
N ARG C 39 26.40 -2.15 -12.09
CA ARG C 39 25.42 -2.99 -12.76
C ARG C 39 24.45 -3.45 -11.67
N TRP C 40 23.16 -3.45 -11.98
CA TRP C 40 22.16 -3.96 -11.05
C TRP C 40 21.10 -4.76 -11.79
N SER C 41 21.40 -6.05 -11.95
CA SER C 41 20.53 -7.04 -12.56
C SER C 41 19.26 -7.21 -11.71
N ASN C 42 18.15 -7.53 -12.37
CA ASN C 42 16.90 -7.89 -11.70
C ASN C 42 17.11 -9.09 -10.77
N ASP C 43 18.01 -10.00 -11.16
CA ASP C 43 18.25 -11.27 -10.48
C ASP C 43 19.01 -11.07 -9.16
N SER C 44 19.59 -9.87 -8.96
CA SER C 44 20.49 -9.58 -7.85
C SER C 44 19.80 -8.70 -6.80
N ALA C 45 20.07 -8.99 -5.53
CA ALA C 45 19.51 -8.23 -4.41
C ALA C 45 20.33 -6.94 -4.21
N THR C 46 21.59 -6.95 -4.64
CA THR C 46 22.54 -5.88 -4.39
C THR C 46 23.06 -5.30 -5.71
N ILE C 47 23.55 -4.06 -5.63
CA ILE C 47 24.19 -3.37 -6.74
C ILE C 47 25.63 -3.89 -6.87
N SER C 48 26.06 -4.20 -8.10
CA SER C 48 27.42 -4.69 -8.36
C SER C 48 28.33 -3.53 -8.79
N PHE C 49 29.53 -3.49 -8.21
CA PHE C 49 30.61 -2.67 -8.68
C PHE C 49 31.26 -3.34 -9.88
N THR C 50 31.52 -2.58 -10.95
CA THR C 50 32.23 -3.07 -12.14
C THR C 50 33.63 -2.46 -12.22
N LYS C 51 33.98 -1.61 -11.24
CA LYS C 51 35.34 -1.07 -11.09
C LYS C 51 35.76 -1.23 -9.64
N PRO C 52 37.08 -1.26 -9.36
CA PRO C 52 37.56 -1.28 -7.97
C PRO C 52 37.11 -0.03 -7.19
N TRP C 53 36.97 1.11 -7.89
CA TRP C 53 36.75 2.43 -7.28
C TRP C 53 35.27 2.86 -7.33
N SER C 54 34.36 1.92 -7.62
CA SER C 54 32.94 2.21 -7.86
C SER C 54 32.21 2.72 -6.59
N GLN C 55 32.76 2.46 -5.40
CA GLN C 55 32.17 2.94 -4.15
C GLN C 55 32.52 4.42 -3.94
N GLY C 56 33.45 4.95 -4.75
CA GLY C 56 33.90 6.32 -4.62
C GLY C 56 34.57 6.53 -3.28
N LYS C 57 34.21 7.63 -2.59
CA LYS C 57 34.77 7.98 -1.30
C LYS C 57 33.73 7.77 -0.18
N LEU C 58 32.67 7.02 -0.48
CA LEU C 58 31.65 6.68 0.52
C LEU C 58 32.18 5.58 1.45
N SER C 59 32.06 5.82 2.76
CA SER C 59 32.26 4.77 3.77
C SER C 59 31.31 3.61 3.47
N ASN C 60 31.60 2.45 4.07
CA ASN C 60 30.78 1.26 3.89
C ASN C 60 29.37 1.54 4.44
N GLN C 61 29.27 2.38 5.48
CA GLN C 61 27.98 2.68 6.11
C GLN C 61 27.13 3.59 5.20
N GLN C 62 27.77 4.57 4.56
CA GLN C 62 27.08 5.47 3.63
C GLN C 62 26.58 4.68 2.42
N TRP C 63 27.43 3.78 1.90
CA TRP C 63 27.08 2.97 0.74
C TRP C 63 25.90 2.06 1.06
N GLU C 64 25.99 1.31 2.17
CA GLU C 64 24.93 0.39 2.64
C GLU C 64 23.59 1.12 2.69
N LYS C 65 23.62 2.34 3.25
CA LYS C 65 22.43 3.15 3.50
C LYS C 65 21.82 3.61 2.16
N LEU C 66 22.70 3.96 1.21
CA LEU C 66 22.29 4.40 -0.13
C LEU C 66 21.72 3.20 -0.90
N GLN C 67 22.41 2.06 -0.82
CA GLN C 67 21.96 0.83 -1.47
C GLN C 67 20.57 0.45 -0.94
N HIS C 68 20.38 0.54 0.38
CA HIS C 68 19.12 0.14 1.01
C HIS C 68 17.97 0.98 0.43
N MET C 69 18.19 2.29 0.32
CA MET C 69 17.23 3.22 -0.25
C MET C 69 16.83 2.75 -1.65
N PHE C 70 17.81 2.35 -2.47
CA PHE C 70 17.56 1.89 -3.83
C PHE C 70 16.80 0.56 -3.83
N GLN C 71 17.10 -0.33 -2.86
CA GLN C 71 16.43 -1.63 -2.77
C GLN C 71 14.94 -1.43 -2.49
N VAL C 72 14.62 -0.50 -1.59
CA VAL C 72 13.22 -0.15 -1.28
C VAL C 72 12.57 0.45 -2.54
N TYR C 73 13.33 1.28 -3.26
CA TYR C 73 12.85 1.97 -4.44
C TYR C 73 12.44 0.98 -5.55
N ARG C 74 13.29 -0.03 -5.80
CA ARG C 74 13.05 -0.94 -6.91
C ARG C 74 11.74 -1.71 -6.70
N VAL C 75 11.52 -2.23 -5.49
CA VAL C 75 10.30 -2.96 -5.14
C VAL C 75 9.09 -2.02 -5.21
N SER C 76 9.23 -0.80 -4.67
CA SER C 76 8.16 0.18 -4.59
C SER C 76 7.78 0.69 -5.99
N PHE C 77 8.79 1.00 -6.81
CA PHE C 77 8.62 1.42 -8.20
C PHE C 77 7.75 0.41 -8.96
N THR C 78 8.11 -0.87 -8.83
CA THR C 78 7.45 -1.96 -9.54
C THR C 78 5.95 -1.95 -9.22
N ARG C 79 5.61 -1.86 -7.93
CA ARG C 79 4.22 -1.91 -7.49
C ARG C 79 3.49 -0.63 -7.93
N ASP C 80 4.18 0.52 -7.87
CA ASP C 80 3.58 1.82 -8.22
C ASP C 80 3.15 1.83 -9.70
N ILE C 81 4.01 1.32 -10.59
CA ILE C 81 3.67 1.25 -12.01
C ILE C 81 2.43 0.37 -12.19
N GLN C 82 2.42 -0.80 -11.54
CA GLN C 82 1.32 -1.74 -11.66
C GLN C 82 0.02 -1.07 -11.22
N GLU C 83 0.08 -0.27 -10.15
CA GLU C 83 -1.10 0.40 -9.60
C GLU C 83 -1.49 1.58 -10.50
N LEU C 84 -0.50 2.27 -11.08
CA LEU C 84 -0.78 3.39 -12.00
C LEU C 84 -1.51 2.86 -13.25
N VAL C 85 -1.14 1.66 -13.71
CA VAL C 85 -1.78 1.06 -14.87
C VAL C 85 -3.25 0.76 -14.55
N LYS C 86 -3.52 0.21 -13.36
CA LYS C 86 -4.89 -0.06 -12.91
C LYS C 86 -5.69 1.24 -12.85
N MET C 87 -5.06 2.31 -12.37
CA MET C 87 -5.67 3.61 -12.18
C MET C 87 -6.10 4.23 -13.52
N MET C 88 -5.33 3.99 -14.59
CA MET C 88 -5.56 4.62 -15.89
C MET C 88 -6.38 3.70 -16.81
N SER C 89 -6.50 2.42 -16.45
CA SER C 89 -7.18 1.39 -17.26
C SER C 89 -8.59 1.86 -17.63
N PRO C 90 -9.02 1.60 -18.88
CA PRO C 90 -8.29 0.83 -19.89
C PRO C 90 -7.52 1.67 -20.92
N LYS C 91 -7.19 2.93 -20.58
CA LYS C 91 -6.48 3.88 -21.46
C LYS C 91 -5.11 3.32 -21.87
N GLU C 92 -4.39 2.74 -20.92
CA GLU C 92 -3.07 2.15 -21.18
C GLU C 92 -3.08 0.69 -20.73
N ASP C 93 -2.28 -0.13 -21.41
CA ASP C 93 -2.24 -1.57 -21.18
C ASP C 93 -0.82 -2.09 -21.44
N TYR C 94 -0.56 -3.30 -20.92
CA TYR C 94 0.67 -4.02 -21.11
C TYR C 94 0.74 -4.49 -22.56
N PRO C 95 1.95 -4.72 -23.10
CA PRO C 95 3.22 -4.54 -22.42
C PRO C 95 3.65 -3.06 -22.30
N ILE C 96 4.47 -2.77 -21.28
CA ILE C 96 4.91 -1.41 -20.99
C ILE C 96 6.42 -1.43 -20.72
N GLU C 97 7.11 -0.47 -21.33
CA GLU C 97 8.53 -0.22 -21.08
C GLU C 97 8.68 1.15 -20.43
N ILE C 98 9.42 1.21 -19.32
CA ILE C 98 9.77 2.47 -18.69
C ILE C 98 11.29 2.55 -18.57
N GLN C 99 11.84 3.70 -18.95
CA GLN C 99 13.27 3.97 -18.84
C GLN C 99 13.47 5.22 -18.00
N LEU C 100 14.47 5.20 -17.12
CA LEU C 100 14.89 6.37 -16.37
C LEU C 100 16.36 6.66 -16.67
N SER C 101 16.65 7.95 -16.86
CA SER C 101 17.99 8.46 -16.97
C SER C 101 18.17 9.56 -15.93
N ALA C 102 19.00 9.28 -14.92
CA ALA C 102 19.21 10.13 -13.79
C ALA C 102 20.72 10.25 -13.54
N GLY C 103 21.13 11.41 -13.04
CA GLY C 103 22.50 11.64 -12.68
C GLY C 103 22.82 13.11 -12.65
N CYS C 104 24.09 13.45 -12.87
CA CYS C 104 24.54 14.82 -12.83
C CYS C 104 25.71 15.00 -13.83
N GLU C 105 25.86 16.24 -14.31
CA GLU C 105 26.95 16.66 -15.15
C GLU C 105 27.86 17.56 -14.31
N MET C 106 29.15 17.20 -14.22
CA MET C 106 30.11 17.86 -13.33
C MET C 106 30.91 18.90 -14.13
N TYR C 107 30.92 20.14 -13.63
CA TYR C 107 31.65 21.27 -14.21
C TYR C 107 32.80 21.67 -13.29
N PRO C 108 33.81 22.42 -13.79
CA PRO C 108 34.86 22.98 -12.94
C PRO C 108 34.28 23.88 -11.83
N GLY C 109 34.95 23.87 -10.67
CA GLY C 109 34.42 24.43 -9.43
C GLY C 109 33.70 23.36 -8.63
N ASN C 110 32.71 23.78 -7.84
CA ASN C 110 31.75 22.89 -7.21
C ASN C 110 30.40 23.03 -7.93
N ALA C 111 30.46 23.25 -9.25
CA ALA C 111 29.28 23.47 -10.10
C ALA C 111 28.85 22.14 -10.74
N SER C 112 27.53 21.91 -10.75
CA SER C 112 26.94 20.73 -11.38
C SER C 112 25.46 20.98 -11.67
N GLU C 113 24.94 20.25 -12.67
CA GLU C 113 23.51 20.20 -13.00
C GLU C 113 23.06 18.74 -12.91
N SER C 114 22.01 18.49 -12.13
CA SER C 114 21.43 17.17 -11.94
C SER C 114 20.18 17.03 -12.83
N PHE C 115 19.85 15.78 -13.19
CA PHE C 115 18.68 15.50 -14.04
C PHE C 115 18.07 14.14 -13.67
N LEU C 116 16.78 14.01 -13.98
CA LEU C 116 16.03 12.77 -13.81
C LEU C 116 14.90 12.77 -14.85
N HIS C 117 15.09 11.98 -15.92
CA HIS C 117 14.22 11.94 -17.08
C HIS C 117 13.60 10.54 -17.20
N VAL C 118 12.31 10.51 -17.52
CA VAL C 118 11.52 9.28 -17.59
C VAL C 118 10.94 9.13 -19.00
N ALA C 119 11.08 7.93 -19.57
CA ALA C 119 10.52 7.61 -20.87
C ALA C 119 9.50 6.47 -20.71
N PHE C 120 8.36 6.63 -21.39
CA PHE C 120 7.26 5.67 -21.42
C PHE C 120 7.09 5.19 -22.86
N GLN C 121 7.22 3.88 -23.07
CA GLN C 121 7.19 3.28 -24.41
C GLN C 121 8.20 3.97 -25.34
N GLY C 122 9.36 4.33 -24.79
CA GLY C 122 10.50 4.84 -25.57
C GLY C 122 10.44 6.33 -25.87
N LYS C 123 9.57 7.07 -25.16
CA LYS C 123 9.38 8.51 -25.39
C LYS C 123 9.53 9.28 -24.08
N TYR C 124 10.38 10.30 -24.09
CA TYR C 124 10.62 11.19 -22.95
C TYR C 124 9.32 11.96 -22.64
N VAL C 125 8.72 11.69 -21.47
CA VAL C 125 7.40 12.26 -21.12
C VAL C 125 7.44 13.01 -19.77
N VAL C 126 8.31 12.60 -18.85
CA VAL C 126 8.30 13.09 -17.46
C VAL C 126 9.72 13.37 -16.98
N ARG C 127 9.89 14.43 -16.19
CA ARG C 127 11.11 14.69 -15.45
C ARG C 127 10.76 15.13 -14.03
N PHE C 128 11.78 15.09 -13.15
CA PHE C 128 11.74 15.75 -11.86
C PHE C 128 12.46 17.10 -12.01
N TRP C 129 11.79 18.18 -11.59
CA TRP C 129 12.30 19.53 -11.73
C TRP C 129 11.94 20.36 -10.49
N GLY C 130 12.97 20.95 -9.87
CA GLY C 130 12.82 21.72 -8.66
C GLY C 130 12.43 20.83 -7.49
N THR C 131 11.12 20.74 -7.23
CA THR C 131 10.58 20.04 -6.07
C THR C 131 9.44 19.09 -6.47
N SER C 132 9.27 18.81 -7.77
CA SER C 132 8.13 18.02 -8.18
C SER C 132 8.34 17.36 -9.56
N TRP C 133 7.49 16.36 -9.82
CA TRP C 133 7.38 15.71 -11.10
C TRP C 133 6.58 16.62 -12.04
N GLN C 134 7.02 16.73 -13.29
CA GLN C 134 6.29 17.46 -14.31
C GLN C 134 6.38 16.69 -15.63
N THR C 135 5.32 16.82 -16.45
CA THR C 135 5.38 16.37 -17.82
C THR C 135 6.13 17.43 -18.64
N VAL C 136 6.74 16.99 -19.74
CA VAL C 136 7.48 17.84 -20.66
C VAL C 136 6.64 18.02 -21.91
N PRO C 137 6.98 19.01 -22.78
CA PRO C 137 6.21 19.25 -24.01
C PRO C 137 6.11 18.00 -24.89
N GLY C 138 4.89 17.73 -25.38
CA GLY C 138 4.64 16.57 -26.25
C GLY C 138 4.01 15.41 -25.52
N ALA C 139 4.00 15.45 -24.18
CA ALA C 139 3.49 14.34 -23.36
C ALA C 139 1.98 14.29 -23.44
N PRO C 140 1.35 13.09 -23.47
CA PRO C 140 -0.11 12.98 -23.49
C PRO C 140 -0.73 13.41 -22.16
N SER C 141 -1.98 13.88 -22.23
CA SER C 141 -2.68 14.55 -21.14
C SER C 141 -3.02 13.57 -20.00
N TRP C 142 -3.14 12.27 -20.30
CA TRP C 142 -3.57 11.29 -19.30
C TRP C 142 -2.52 11.17 -18.17
N LEU C 143 -1.26 11.49 -18.48
CA LEU C 143 -0.17 11.46 -17.50
C LEU C 143 -0.39 12.47 -16.36
N ASP C 144 -1.29 13.45 -16.55
CA ASP C 144 -1.62 14.43 -15.52
C ASP C 144 -2.10 13.76 -14.22
N LEU C 145 -2.78 12.60 -14.31
CA LEU C 145 -3.27 11.93 -13.09
C LEU C 145 -2.11 11.25 -12.35
N PRO C 146 -1.30 10.38 -12.99
CA PRO C 146 -0.06 9.90 -12.37
C PRO C 146 0.80 10.97 -11.70
N ILE C 147 1.05 12.07 -12.41
CA ILE C 147 1.87 13.18 -11.93
C ILE C 147 1.27 13.74 -10.62
N LYS C 148 -0.06 13.88 -10.60
CA LYS C 148 -0.80 14.39 -9.46
C LYS C 148 -0.61 13.44 -8.27
N VAL C 149 -0.71 12.14 -8.53
CA VAL C 149 -0.58 11.10 -7.51
C VAL C 149 0.86 11.07 -6.99
N LEU C 150 1.84 11.08 -7.91
CA LEU C 150 3.26 11.06 -7.54
C LEU C 150 3.62 12.30 -6.71
N ASN C 151 3.03 13.45 -7.06
CA ASN C 151 3.34 14.72 -6.38
C ASN C 151 2.64 14.78 -5.01
N ALA C 152 1.68 13.91 -4.75
CA ALA C 152 1.04 13.83 -3.43
C ALA C 152 2.04 13.30 -2.39
N ASP C 153 3.02 12.53 -2.85
CA ASP C 153 4.01 11.86 -1.99
C ASP C 153 5.15 12.83 -1.65
N GLN C 154 4.97 13.59 -0.57
CA GLN C 154 5.96 14.58 -0.12
C GLN C 154 7.29 13.88 0.20
N GLY C 155 7.19 12.69 0.80
CA GLY C 155 8.34 11.91 1.23
C GLY C 155 9.28 11.58 0.09
N THR C 156 8.73 11.15 -1.05
CA THR C 156 9.52 10.81 -2.23
C THR C 156 10.16 12.08 -2.80
N SER C 157 9.38 13.17 -2.84
CA SER C 157 9.87 14.47 -3.32
C SER C 157 11.11 14.89 -2.53
N ALA C 158 11.05 14.80 -1.20
CA ALA C 158 12.15 15.23 -0.33
C ALA C 158 13.38 14.37 -0.58
N THR C 159 13.18 13.05 -0.75
CA THR C 159 14.28 12.10 -0.97
C THR C 159 14.93 12.38 -2.34
N VAL C 160 14.12 12.55 -3.39
CA VAL C 160 14.65 12.77 -4.74
C VAL C 160 15.43 14.10 -4.77
N GLN C 161 14.90 15.16 -4.16
CA GLN C 161 15.59 16.45 -4.10
C GLN C 161 17.01 16.28 -3.51
N MET C 162 17.10 15.50 -2.42
CA MET C 162 18.37 15.27 -1.72
C MET C 162 19.33 14.42 -2.56
N LEU C 163 18.78 13.41 -3.26
CA LEU C 163 19.56 12.57 -4.17
C LEU C 163 20.17 13.42 -5.29
N LEU C 164 19.34 14.29 -5.88
CA LEU C 164 19.70 15.05 -7.07
C LEU C 164 20.62 16.23 -6.69
N ASN C 165 20.26 16.98 -5.65
CA ASN C 165 20.94 18.24 -5.30
C ASN C 165 22.28 17.96 -4.61
N ASP C 166 22.28 17.02 -3.65
CA ASP C 166 23.39 16.82 -2.72
C ASP C 166 24.12 15.51 -3.01
N THR C 167 23.41 14.38 -2.97
CA THR C 167 24.05 13.07 -2.99
C THR C 167 24.82 12.88 -4.30
N CYS C 168 24.19 13.18 -5.45
CA CYS C 168 24.80 12.92 -6.78
C CYS C 168 26.13 13.65 -6.93
N PRO C 169 26.19 15.00 -6.84
CA PRO C 169 27.46 15.70 -6.99
C PRO C 169 28.53 15.23 -6.00
N LEU C 170 28.16 15.06 -4.73
CA LEU C 170 29.09 14.60 -3.70
C LEU C 170 29.72 13.28 -4.13
N PHE C 171 28.87 12.30 -4.46
CA PHE C 171 29.28 10.95 -4.80
C PHE C 171 30.22 10.97 -6.01
N VAL C 172 29.84 11.73 -7.05
CA VAL C 172 30.56 11.72 -8.33
C VAL C 172 31.93 12.40 -8.17
N ARG C 173 31.99 13.47 -7.36
CA ARG C 173 33.26 14.13 -7.03
C ARG C 173 34.26 13.08 -6.51
N GLY C 174 33.79 12.25 -5.57
CA GLY C 174 34.57 11.17 -4.97
C GLY C 174 34.95 10.10 -5.98
N LEU C 175 34.03 9.78 -6.91
CA LEU C 175 34.29 8.81 -7.98
C LEU C 175 35.45 9.29 -8.86
N LEU C 176 35.42 10.58 -9.23
CA LEU C 176 36.41 11.17 -10.14
C LEU C 176 37.81 11.08 -9.51
N GLU C 177 37.87 11.34 -8.21
CA GLU C 177 39.09 11.24 -7.42
C GLU C 177 39.59 9.78 -7.42
N ALA C 178 38.71 8.87 -6.99
CA ALA C 178 39.05 7.47 -6.75
C ALA C 178 39.40 6.76 -8.06
N GLY C 179 38.76 7.17 -9.16
CA GLY C 179 38.88 6.50 -10.46
C GLY C 179 39.75 7.26 -11.44
N LYS C 180 40.53 8.23 -10.95
CA LYS C 180 41.33 9.15 -11.78
C LYS C 180 42.20 8.39 -12.79
N SER C 181 42.88 7.35 -12.32
CA SER C 181 43.87 6.62 -13.13
C SER C 181 43.19 5.83 -14.27
N ASP C 182 41.96 5.39 -14.05
CA ASP C 182 41.19 4.70 -15.10
C ASP C 182 40.63 5.74 -16.10
N LEU C 183 40.16 6.88 -15.58
CA LEU C 183 39.51 7.88 -16.43
C LEU C 183 40.54 8.53 -17.36
N GLU C 184 41.80 8.62 -16.92
CA GLU C 184 42.85 9.34 -17.64
C GLU C 184 43.76 8.38 -18.41
N LYS C 185 43.39 7.09 -18.49
CA LYS C 185 44.21 6.11 -19.20
C LYS C 185 44.34 6.53 -20.67
N GLN C 186 45.48 6.16 -21.27
CA GLN C 186 45.74 6.33 -22.69
C GLN C 186 46.03 4.96 -23.30
N GLU C 187 45.27 4.57 -24.33
CA GLU C 187 45.42 3.29 -25.03
C GLU C 187 45.65 3.57 -26.52
N LYS C 188 46.69 2.95 -27.09
CA LYS C 188 47.14 3.26 -28.43
C LYS C 188 46.22 2.61 -29.46
N PRO C 189 45.83 3.33 -30.54
CA PRO C 189 45.16 2.71 -31.68
C PRO C 189 46.14 1.82 -32.46
N VAL C 190 45.59 0.76 -33.06
CA VAL C 190 46.28 -0.04 -34.06
C VAL C 190 45.41 0.02 -35.31
N ALA C 191 46.04 0.22 -36.47
CA ALA C 191 45.32 0.37 -37.73
C ALA C 191 45.68 -0.77 -38.67
N TRP C 192 44.78 -1.03 -39.63
CA TRP C 192 45.03 -1.93 -40.75
C TRP C 192 44.07 -1.58 -41.89
N LEU C 193 44.48 -1.87 -43.13
CA LEU C 193 43.76 -1.47 -44.34
C LEU C 193 43.14 -2.69 -45.02
N SER C 194 42.10 -2.44 -45.83
CA SER C 194 41.37 -3.45 -46.60
C SER C 194 40.51 -2.77 -47.66
N SER C 195 39.87 -3.55 -48.53
CA SER C 195 39.06 -3.02 -49.64
C SER C 195 37.93 -3.98 -50.02
N VAL C 196 36.85 -3.41 -50.58
CA VAL C 196 35.68 -4.14 -51.06
C VAL C 196 35.17 -3.47 -52.33
N PRO C 197 34.21 -4.08 -53.08
CA PRO C 197 33.53 -3.40 -54.17
C PRO C 197 32.22 -2.73 -53.72
N GLY C 202 32.41 0.13 -61.64
CA GLY C 202 33.75 -0.44 -61.49
C GLY C 202 34.58 0.31 -60.46
N HIS C 203 33.99 0.52 -59.27
CA HIS C 203 34.56 1.33 -58.19
C HIS C 203 35.00 0.42 -57.03
N ARG C 204 35.95 0.92 -56.22
CA ARG C 204 36.50 0.23 -55.05
C ARG C 204 36.31 1.11 -53.80
N GLN C 205 36.14 0.46 -52.65
CA GLN C 205 36.07 1.13 -51.35
C GLN C 205 37.26 0.68 -50.50
N LEU C 206 38.15 1.64 -50.20
CA LEU C 206 39.26 1.42 -49.25
C LEU C 206 38.71 1.65 -47.83
N VAL C 207 39.23 0.87 -46.88
CA VAL C 207 38.78 0.89 -45.49
C VAL C 207 40.01 0.97 -44.58
N CYS C 208 40.05 2.01 -43.75
CA CYS C 208 41.05 2.13 -42.73
C CYS C 208 40.43 1.78 -41.37
N HIS C 209 40.84 0.64 -40.81
CA HIS C 209 40.37 0.11 -39.53
C HIS C 209 41.27 0.63 -38.40
N VAL C 210 40.66 1.23 -37.38
CA VAL C 210 41.40 1.77 -36.23
C VAL C 210 40.75 1.22 -34.96
N SER C 211 41.54 0.54 -34.12
CA SER C 211 41.00 -0.23 -33.00
C SER C 211 41.94 -0.19 -31.79
N GLY C 212 41.33 -0.10 -30.60
CA GLY C 212 42.02 -0.23 -29.31
C GLY C 212 42.36 1.11 -28.65
N PHE C 213 41.87 2.22 -29.20
CA PHE C 213 42.22 3.55 -28.68
C PHE C 213 41.28 3.95 -27.54
N TYR C 214 41.85 4.64 -26.55
CA TYR C 214 41.15 5.33 -25.50
C TYR C 214 42.02 6.49 -25.05
N PRO C 215 41.44 7.69 -24.86
CA PRO C 215 40.01 7.98 -24.93
C PRO C 215 39.46 8.16 -26.35
N LYS C 216 38.17 8.50 -26.43
CA LYS C 216 37.40 8.48 -27.67
C LYS C 216 37.98 9.41 -28.73
N PRO C 217 38.34 10.69 -28.41
CA PRO C 217 38.74 11.63 -29.46
C PRO C 217 39.92 11.10 -30.31
N VAL C 218 39.74 11.14 -31.63
CA VAL C 218 40.67 10.56 -32.60
C VAL C 218 40.50 11.31 -33.94
N TRP C 219 41.55 11.26 -34.76
CA TRP C 219 41.54 11.83 -36.10
C TRP C 219 42.07 10.79 -37.11
N VAL C 220 41.27 10.53 -38.14
CA VAL C 220 41.57 9.52 -39.16
C VAL C 220 41.24 10.09 -40.54
N MET C 221 42.24 10.11 -41.43
CA MET C 221 42.10 10.69 -42.76
C MET C 221 42.91 9.90 -43.78
N TRP C 222 42.27 9.61 -44.92
CA TRP C 222 42.97 9.15 -46.10
C TRP C 222 43.76 10.33 -46.71
N MET C 223 44.95 10.02 -47.23
CA MET C 223 45.86 11.02 -47.78
C MET C 223 46.39 10.55 -49.13
N ARG C 224 46.75 11.51 -49.99
CA ARG C 224 47.75 11.32 -51.05
C ARG C 224 48.89 12.30 -50.77
N GLY C 225 49.94 11.80 -50.10
CA GLY C 225 51.05 12.60 -49.62
C GLY C 225 50.61 13.55 -48.50
N ASP C 226 50.44 14.82 -48.84
CA ASP C 226 50.09 15.89 -47.88
C ASP C 226 48.67 16.39 -48.13
N GLN C 227 47.95 15.76 -49.06
CA GLN C 227 46.62 16.21 -49.48
C GLN C 227 45.56 15.30 -48.85
N GLU C 228 44.70 15.90 -48.01
CA GLU C 228 43.61 15.18 -47.35
C GLU C 228 42.54 14.86 -48.40
N GLN C 229 42.11 13.60 -48.43
CA GLN C 229 41.03 13.17 -49.31
C GLN C 229 39.70 13.46 -48.62
N GLN C 230 39.02 14.52 -49.09
CA GLN C 230 37.79 15.02 -48.48
C GLN C 230 36.61 14.06 -48.74
N GLY C 231 36.85 13.01 -49.54
CA GLY C 231 35.90 11.92 -49.72
C GLY C 231 35.90 10.94 -48.56
N THR C 232 36.87 11.06 -47.64
CA THR C 232 36.96 10.22 -46.44
C THR C 232 35.65 10.29 -45.64
N HIS C 233 35.11 9.11 -45.28
CA HIS C 233 33.90 8.98 -44.48
C HIS C 233 34.19 8.15 -43.22
N ARG C 234 34.18 8.82 -42.06
CA ARG C 234 34.25 8.18 -40.75
C ARG C 234 32.91 7.48 -40.45
N GLY C 235 32.96 6.22 -40.01
CA GLY C 235 31.82 5.56 -39.42
C GLY C 235 31.61 5.99 -37.97
N ASP C 236 30.69 5.33 -37.28
CA ASP C 236 30.43 5.58 -35.87
C ASP C 236 31.55 4.96 -35.04
N PHE C 237 31.70 5.46 -33.81
CA PHE C 237 32.53 4.84 -32.81
C PHE C 237 31.82 3.57 -32.31
N LEU C 238 32.52 2.43 -32.41
CA LEU C 238 32.00 1.15 -31.96
C LEU C 238 32.83 0.66 -30.77
N PRO C 239 32.20 0.09 -29.73
CA PRO C 239 32.95 -0.38 -28.57
C PRO C 239 33.61 -1.75 -28.77
N ASN C 240 34.79 -1.91 -28.17
CA ASN C 240 35.39 -3.19 -27.89
C ASN C 240 34.97 -3.61 -26.48
N ALA C 241 35.18 -4.89 -26.15
CA ALA C 241 34.76 -5.47 -24.87
C ALA C 241 35.65 -4.98 -23.72
N ASP C 242 36.86 -4.48 -24.05
CA ASP C 242 37.90 -4.13 -23.08
C ASP C 242 37.90 -2.61 -22.80
N GLU C 243 36.79 -1.93 -23.09
CA GLU C 243 36.59 -0.50 -22.84
C GLU C 243 37.61 0.33 -23.64
N THR C 244 37.81 -0.07 -24.90
CA THR C 244 38.47 0.72 -25.93
C THR C 244 37.49 0.85 -27.10
N TRP C 245 37.87 1.69 -28.08
CA TRP C 245 37.01 2.07 -29.19
C TRP C 245 37.56 1.55 -30.53
N TYR C 246 36.62 1.32 -31.44
CA TYR C 246 36.87 0.93 -32.81
C TYR C 246 36.20 1.96 -33.72
N LEU C 247 36.88 2.28 -34.84
CA LEU C 247 36.38 3.23 -35.84
C LEU C 247 36.98 2.86 -37.19
N GLN C 248 36.19 3.02 -38.26
CA GLN C 248 36.71 2.82 -39.60
C GLN C 248 36.39 4.04 -40.48
N ALA C 249 37.37 4.40 -41.31
CA ALA C 249 37.27 5.48 -42.29
C ALA C 249 37.37 4.88 -43.69
N THR C 250 36.37 5.16 -44.53
CA THR C 250 36.27 4.61 -45.89
C THR C 250 36.57 5.70 -46.92
N LEU C 251 37.11 5.30 -48.08
CA LEU C 251 37.31 6.17 -49.23
C LEU C 251 36.93 5.41 -50.51
N ASP C 252 35.94 5.93 -51.25
CA ASP C 252 35.51 5.39 -52.53
C ASP C 252 36.45 5.92 -53.61
N VAL C 253 37.04 5.01 -54.40
CA VAL C 253 38.02 5.35 -55.45
C VAL C 253 37.81 4.46 -56.68
N GLU C 254 38.27 4.94 -57.83
CA GLU C 254 38.27 4.18 -59.09
C GLU C 254 39.36 3.11 -59.01
N ALA C 255 39.03 1.89 -59.49
CA ALA C 255 39.96 0.75 -59.45
C ALA C 255 41.26 1.09 -60.18
N GLY C 256 42.37 0.55 -59.68
CA GLY C 256 43.71 0.82 -60.19
C GLY C 256 44.12 2.27 -59.99
N GLU C 257 43.63 2.88 -58.89
CA GLU C 257 43.89 4.27 -58.53
C GLU C 257 44.39 4.34 -57.08
N GLU C 258 44.71 3.18 -56.50
CA GLU C 258 44.92 3.01 -55.07
C GLU C 258 46.39 3.27 -54.70
N ALA C 259 47.22 3.55 -55.71
CA ALA C 259 48.65 3.79 -55.53
C ALA C 259 48.86 5.14 -54.84
N GLY C 260 49.68 5.13 -53.79
CA GLY C 260 50.11 6.35 -53.10
C GLY C 260 49.07 6.90 -52.12
N LEU C 261 47.99 6.14 -51.88
CA LEU C 261 47.03 6.48 -50.84
C LEU C 261 47.54 5.94 -49.51
N ALA C 262 47.41 6.74 -48.45
CA ALA C 262 47.75 6.33 -47.10
C ALA C 262 46.60 6.69 -46.14
N CYS C 263 46.56 5.99 -45.00
CA CYS C 263 45.67 6.32 -43.92
C CYS C 263 46.50 6.89 -42.75
N ARG C 264 46.13 8.10 -42.31
CA ARG C 264 46.80 8.78 -41.22
C ARG C 264 45.86 8.83 -40.00
N VAL C 265 46.41 8.45 -38.84
CA VAL C 265 45.69 8.40 -37.59
C VAL C 265 46.46 9.24 -36.55
N LYS C 266 45.77 10.23 -35.98
CA LYS C 266 46.27 11.00 -34.83
C LYS C 266 45.43 10.66 -33.59
N HIS C 267 46.12 10.46 -32.47
CA HIS C 267 45.48 10.18 -31.19
C HIS C 267 46.43 10.56 -30.05
N SER C 268 45.83 11.05 -28.95
CA SER C 268 46.55 11.56 -27.76
C SER C 268 47.58 10.54 -27.23
N SER C 269 47.32 9.24 -27.42
CA SER C 269 48.13 8.15 -26.84
C SER C 269 49.47 8.00 -27.57
N LEU C 270 49.60 8.55 -28.78
CA LEU C 270 50.75 8.30 -29.64
C LEU C 270 51.89 9.31 -29.38
N GLY C 271 51.58 10.41 -28.67
CA GLY C 271 52.58 11.41 -28.31
C GLY C 271 53.38 11.90 -29.52
N GLY C 272 52.66 12.29 -30.57
CA GLY C 272 53.25 12.99 -31.72
C GLY C 272 53.54 12.07 -32.90
N GLN C 273 53.77 10.78 -32.63
CA GLN C 273 54.10 9.78 -33.64
C GLN C 273 52.82 9.25 -34.29
N ASP C 274 52.32 9.98 -35.30
CA ASP C 274 51.13 9.57 -36.06
C ASP C 274 51.36 8.19 -36.68
N ILE C 275 50.26 7.46 -36.88
CA ILE C 275 50.27 6.22 -37.64
C ILE C 275 49.96 6.57 -39.10
N ILE C 276 50.81 6.09 -40.01
CA ILE C 276 50.64 6.27 -41.45
C ILE C 276 50.76 4.89 -42.10
N LEU C 277 49.67 4.42 -42.71
CA LEU C 277 49.65 3.17 -43.48
C LEU C 277 49.42 3.51 -44.95
N TYR C 278 50.39 3.16 -45.80
CA TYR C 278 50.29 3.27 -47.26
C TYR C 278 49.68 1.98 -47.83
N TRP C 279 48.78 2.12 -48.79
CA TRP C 279 48.19 1.00 -49.52
C TRP C 279 49.30 0.21 -50.22
N GLN D 2 8.34 0.57 -33.01
CA GLN D 2 9.21 -0.63 -33.18
C GLN D 2 10.23 -0.36 -34.29
N LYS D 3 11.51 -0.20 -33.91
CA LYS D 3 12.61 0.11 -34.83
C LYS D 3 13.50 -1.13 -35.01
N THR D 4 14.07 -1.27 -36.21
CA THR D 4 14.72 -2.50 -36.71
C THR D 4 16.20 -2.51 -36.37
N PRO D 5 16.70 -3.48 -35.56
CA PRO D 5 18.08 -3.46 -35.07
C PRO D 5 19.13 -3.35 -36.18
N GLN D 6 20.11 -2.46 -35.98
CA GLN D 6 21.33 -2.39 -36.78
C GLN D 6 22.37 -3.33 -36.18
N ILE D 7 23.14 -4.00 -37.04
CA ILE D 7 24.14 -4.98 -36.65
C ILE D 7 25.45 -4.63 -37.34
N GLN D 8 26.54 -4.61 -36.56
CA GLN D 8 27.89 -4.35 -37.06
C GLN D 8 28.84 -5.40 -36.48
N VAL D 9 29.57 -6.07 -37.37
CA VAL D 9 30.48 -7.14 -37.00
C VAL D 9 31.90 -6.68 -37.37
N TYR D 10 32.84 -6.86 -36.43
CA TYR D 10 34.20 -6.36 -36.56
C TYR D 10 35.09 -7.08 -35.54
N SER D 11 36.40 -7.14 -35.84
CA SER D 11 37.39 -7.81 -34.98
C SER D 11 38.13 -6.77 -34.13
N ARG D 12 38.59 -7.20 -32.95
CA ARG D 12 39.30 -6.36 -31.97
C ARG D 12 40.72 -6.04 -32.46
N HIS D 13 41.38 -7.02 -33.08
CA HIS D 13 42.76 -6.94 -33.55
C HIS D 13 42.78 -7.13 -35.05
N PRO D 14 43.89 -6.78 -35.76
CA PRO D 14 43.98 -7.04 -37.20
C PRO D 14 43.87 -8.53 -37.50
N PRO D 15 43.01 -8.94 -38.46
CA PRO D 15 42.77 -10.36 -38.75
C PRO D 15 43.91 -11.05 -39.52
N GLU D 16 44.54 -12.04 -38.87
CA GLU D 16 45.56 -12.91 -39.45
C GLU D 16 45.09 -14.37 -39.39
N ASN D 17 44.96 -15.01 -40.55
CA ASN D 17 44.59 -16.42 -40.63
C ASN D 17 45.45 -17.23 -39.64
N GLY D 18 44.78 -17.97 -38.76
CA GLY D 18 45.44 -18.89 -37.82
C GLY D 18 45.76 -18.28 -36.46
N LYS D 19 45.54 -16.96 -36.30
CA LYS D 19 45.88 -16.25 -35.04
C LYS D 19 44.62 -16.01 -34.22
N PRO D 20 44.60 -16.39 -32.92
CA PRO D 20 43.53 -15.98 -32.00
C PRO D 20 43.24 -14.47 -32.04
N ASN D 21 41.96 -14.13 -31.83
CA ASN D 21 41.42 -12.78 -32.02
C ASN D 21 40.08 -12.72 -31.28
N ILE D 22 39.40 -11.58 -31.33
CA ILE D 22 38.09 -11.44 -30.74
C ILE D 22 37.16 -10.85 -31.80
N LEU D 23 35.95 -11.42 -31.89
CA LEU D 23 34.94 -10.97 -32.82
C LEU D 23 33.80 -10.32 -32.04
N ASN D 24 33.44 -9.10 -32.46
CA ASN D 24 32.45 -8.26 -31.84
C ASN D 24 31.21 -8.20 -32.71
N CYS D 25 30.03 -8.26 -32.08
CA CYS D 25 28.77 -8.01 -32.72
C CYS D 25 28.02 -6.92 -31.94
N TYR D 26 27.89 -5.74 -32.56
CA TYR D 26 27.31 -4.57 -31.93
C TYR D 26 25.91 -4.33 -32.52
N VAL D 27 24.88 -4.59 -31.70
CA VAL D 27 23.48 -4.45 -32.07
C VAL D 27 22.91 -3.18 -31.40
N THR D 28 22.32 -2.29 -32.21
CA THR D 28 21.93 -0.97 -31.79
C THR D 28 20.55 -0.61 -32.35
N GLN D 29 19.98 0.48 -31.80
CA GLN D 29 18.81 1.20 -32.32
C GLN D 29 17.59 0.27 -32.42
N PHE D 30 17.38 -0.57 -31.40
CA PHE D 30 16.22 -1.46 -31.36
C PHE D 30 15.36 -1.13 -30.13
N HIS D 31 14.07 -1.46 -30.23
CA HIS D 31 13.11 -1.42 -29.11
C HIS D 31 11.83 -2.12 -29.57
N PRO D 32 11.15 -2.83 -28.65
CA PRO D 32 11.50 -3.00 -27.25
C PRO D 32 12.79 -3.79 -27.03
N PRO D 33 13.31 -3.86 -25.78
CA PRO D 33 14.64 -4.43 -25.51
C PRO D 33 14.75 -5.97 -25.52
N HIS D 34 13.63 -6.69 -25.62
CA HIS D 34 13.69 -8.13 -25.78
C HIS D 34 14.33 -8.46 -27.13
N ILE D 35 15.44 -9.20 -27.10
CA ILE D 35 16.22 -9.52 -28.29
C ILE D 35 17.00 -10.82 -28.03
N GLU D 36 17.28 -11.53 -29.13
CA GLU D 36 18.04 -12.78 -29.13
C GLU D 36 19.19 -12.62 -30.12
N ILE D 37 20.42 -12.73 -29.60
CA ILE D 37 21.64 -12.56 -30.38
C ILE D 37 22.43 -13.88 -30.35
N GLN D 38 22.85 -14.33 -31.53
CA GLN D 38 23.70 -15.50 -31.69
C GLN D 38 24.88 -15.13 -32.60
N MET D 39 26.06 -15.64 -32.26
CA MET D 39 27.22 -15.55 -33.13
C MET D 39 27.50 -16.94 -33.70
N LEU D 40 27.66 -17.00 -35.02
CA LEU D 40 27.72 -18.27 -35.75
C LEU D 40 29.11 -18.45 -36.37
N LYS D 41 29.61 -19.69 -36.27
CA LYS D 41 30.74 -20.20 -37.03
C LYS D 41 30.21 -21.23 -38.03
N ASN D 42 30.32 -20.92 -39.33
CA ASN D 42 29.85 -21.81 -40.40
C ASN D 42 28.37 -22.17 -40.18
N GLY D 43 27.59 -21.19 -39.73
CA GLY D 43 26.15 -21.35 -39.52
C GLY D 43 25.79 -22.06 -38.21
N LYS D 44 26.80 -22.46 -37.43
CA LYS D 44 26.58 -23.14 -36.14
C LYS D 44 26.80 -22.14 -35.00
N LYS D 45 25.94 -22.26 -33.98
CA LYS D 45 25.96 -21.39 -32.80
C LYS D 45 27.23 -21.65 -32.00
N ILE D 46 28.00 -20.58 -31.75
CA ILE D 46 29.24 -20.63 -30.97
C ILE D 46 28.84 -20.71 -29.49
N PRO D 47 29.48 -21.61 -28.70
CA PRO D 47 29.01 -21.89 -27.33
C PRO D 47 29.23 -20.76 -26.33
N LYS D 48 30.48 -20.29 -26.19
CA LYS D 48 30.88 -19.40 -25.09
C LYS D 48 30.91 -17.93 -25.56
N VAL D 49 29.73 -17.32 -25.65
CA VAL D 49 29.55 -15.94 -26.14
C VAL D 49 29.21 -15.03 -24.95
N GLU D 50 30.07 -14.04 -24.71
CA GLU D 50 29.88 -13.08 -23.61
C GLU D 50 29.04 -11.90 -24.13
N MET D 51 28.13 -11.43 -23.28
CA MET D 51 27.27 -10.30 -23.56
C MET D 51 27.61 -9.19 -22.56
N SER D 52 27.66 -7.94 -23.06
CA SER D 52 27.67 -6.77 -22.21
C SER D 52 26.28 -6.62 -21.57
N ASP D 53 26.19 -5.84 -20.49
CA ASP D 53 24.90 -5.45 -19.96
C ASP D 53 24.20 -4.61 -21.03
N MET D 54 22.89 -4.78 -21.17
CA MET D 54 22.13 -3.92 -22.05
C MET D 54 22.10 -2.50 -21.46
N SER D 55 22.16 -1.52 -22.35
CA SER D 55 22.11 -0.11 -22.02
C SER D 55 21.27 0.60 -23.10
N PHE D 56 21.18 1.93 -23.02
CA PHE D 56 20.50 2.68 -24.05
C PHE D 56 21.15 4.06 -24.21
N SER D 57 20.97 4.62 -25.41
CA SER D 57 21.55 5.90 -25.84
C SER D 57 20.64 7.06 -25.44
N LYS D 58 21.11 8.28 -25.70
CA LYS D 58 20.40 9.52 -25.38
C LYS D 58 19.00 9.52 -26.01
N ASP D 59 18.83 8.82 -27.14
CA ASP D 59 17.56 8.77 -27.87
C ASP D 59 16.64 7.65 -27.34
N TRP D 60 17.07 6.97 -26.26
CA TRP D 60 16.28 5.95 -25.53
C TRP D 60 16.29 4.59 -26.25
N SER D 61 17.02 4.48 -27.36
CA SER D 61 17.15 3.22 -28.09
C SER D 61 18.25 2.38 -27.45
N PHE D 62 18.06 1.05 -27.49
CA PHE D 62 18.87 0.09 -26.77
C PHE D 62 20.07 -0.33 -27.62
N TYR D 63 21.15 -0.75 -26.94
CA TYR D 63 22.32 -1.35 -27.59
C TYR D 63 22.93 -2.39 -26.67
N ILE D 64 23.67 -3.33 -27.26
CA ILE D 64 24.35 -4.37 -26.52
C ILE D 64 25.51 -4.89 -27.38
N LEU D 65 26.59 -5.33 -26.71
CA LEU D 65 27.76 -5.88 -27.38
C LEU D 65 27.92 -7.36 -27.02
N ALA D 66 27.84 -8.21 -28.05
CA ALA D 66 28.26 -9.59 -27.96
C ALA D 66 29.70 -9.68 -28.48
N HIS D 67 30.49 -10.57 -27.87
CA HIS D 67 31.82 -10.86 -28.40
C HIS D 67 32.19 -12.31 -28.04
N THR D 68 33.17 -12.84 -28.77
CA THR D 68 33.64 -14.20 -28.61
C THR D 68 35.07 -14.32 -29.18
N GLU D 69 35.83 -15.27 -28.63
CA GLU D 69 37.15 -15.62 -29.15
C GLU D 69 36.96 -16.38 -30.46
N PHE D 70 37.81 -16.07 -31.45
CA PHE D 70 37.79 -16.76 -32.74
C PHE D 70 39.19 -16.67 -33.36
N THR D 71 39.48 -17.64 -34.24
CA THR D 71 40.66 -17.64 -35.07
C THR D 71 40.21 -17.68 -36.53
N PRO D 72 40.38 -16.59 -37.31
CA PRO D 72 39.98 -16.60 -38.71
C PRO D 72 40.85 -17.54 -39.56
N THR D 73 40.25 -18.07 -40.64
CA THR D 73 40.89 -18.94 -41.62
C THR D 73 40.40 -18.57 -43.02
N GLU D 74 41.02 -19.16 -44.04
CA GLU D 74 40.60 -19.05 -45.43
C GLU D 74 39.14 -19.48 -45.58
N THR D 75 38.76 -20.58 -44.89
CA THR D 75 37.54 -21.33 -45.19
C THR D 75 36.38 -20.92 -44.28
N ASP D 76 36.62 -20.79 -42.97
CA ASP D 76 35.55 -20.62 -41.97
C ASP D 76 34.86 -19.26 -42.13
N THR D 77 33.53 -19.25 -42.06
CA THR D 77 32.72 -18.03 -42.07
C THR D 77 32.20 -17.74 -40.66
N TYR D 78 31.98 -16.46 -40.39
CA TYR D 78 31.51 -15.98 -39.10
C TYR D 78 30.39 -14.97 -39.35
N ALA D 79 29.37 -15.01 -38.48
CA ALA D 79 28.19 -14.17 -38.64
C ALA D 79 27.56 -13.88 -37.28
N CYS D 80 26.68 -12.89 -37.29
CA CYS D 80 25.86 -12.53 -36.15
C CYS D 80 24.39 -12.54 -36.58
N ARG D 81 23.58 -13.29 -35.82
CA ARG D 81 22.17 -13.52 -36.13
C ARG D 81 21.31 -12.97 -34.99
N VAL D 82 20.35 -12.12 -35.35
CA VAL D 82 19.53 -11.38 -34.40
C VAL D 82 18.05 -11.68 -34.67
N LYS D 83 17.33 -12.11 -33.62
CA LYS D 83 15.88 -12.22 -33.66
C LYS D 83 15.26 -11.13 -32.79
N HIS D 84 14.30 -10.41 -33.37
CA HIS D 84 13.63 -9.27 -32.73
C HIS D 84 12.23 -9.12 -33.32
N ALA D 85 11.24 -8.81 -32.46
CA ALA D 85 9.82 -8.78 -32.83
C ALA D 85 9.58 -7.83 -34.02
N SER D 86 10.41 -6.80 -34.15
CA SER D 86 10.30 -5.76 -35.18
C SER D 86 10.66 -6.28 -36.59
N MET D 87 11.17 -7.52 -36.68
CA MET D 87 11.50 -8.15 -37.95
C MET D 87 10.69 -9.44 -38.11
N ALA D 88 10.28 -9.73 -39.34
CA ALA D 88 9.54 -10.96 -39.66
C ALA D 88 10.47 -12.16 -39.49
N GLU D 89 11.61 -12.12 -40.19
CA GLU D 89 12.61 -13.19 -40.15
C GLU D 89 13.85 -12.71 -39.40
N PRO D 90 14.66 -13.64 -38.84
CA PRO D 90 15.95 -13.28 -38.26
C PRO D 90 16.88 -12.66 -39.32
N LYS D 91 17.65 -11.66 -38.91
CA LYS D 91 18.62 -10.98 -39.76
C LYS D 91 20.02 -11.52 -39.41
N THR D 92 20.81 -11.76 -40.45
CA THR D 92 22.15 -12.30 -40.34
C THR D 92 23.12 -11.36 -41.07
N VAL D 93 24.14 -10.90 -40.34
CA VAL D 93 25.22 -10.12 -40.93
C VAL D 93 26.51 -10.94 -40.80
N TYR D 94 27.18 -11.14 -41.93
CA TYR D 94 28.39 -11.94 -42.03
C TYR D 94 29.60 -11.03 -41.80
N TRP D 95 30.57 -11.54 -41.04
CA TRP D 95 31.87 -10.89 -40.89
C TRP D 95 32.61 -10.96 -42.23
N ASP D 96 33.00 -9.79 -42.76
CA ASP D 96 33.68 -9.70 -44.04
C ASP D 96 35.19 -9.78 -43.81
N ARG D 97 35.73 -8.80 -43.07
CA ARG D 97 37.17 -8.61 -42.75
C ARG D 97 37.75 -7.55 -43.70
N ASP D 98 37.29 -7.55 -44.96
CA ASP D 98 37.75 -6.64 -46.01
C ASP D 98 37.05 -5.29 -45.85
#